data_7JHJ
#
_entry.id   7JHJ
#
_cell.length_a   1.00
_cell.length_b   1.00
_cell.length_c   1.00
_cell.angle_alpha   90.00
_cell.angle_beta   90.00
_cell.angle_gamma   90.00
#
_symmetry.space_group_name_H-M   'P 1'
#
loop_
_entity.id
_entity.type
_entity.pdbx_description
1 polymer 'Guanine nucleotide-binding protein G(i) subunit alpha-1'
2 polymer 'Guanine nucleotide-binding protein G(I)/G(S)/G(T) subunit beta-1'
3 polymer 'Guanine nucleotide-binding protein G(I)/G(S)/G(O) subunit gamma-2'
4 polymer 'Antibody fragment scFv16'
5 polymer BILF1
6 non-polymer 'CHOLESTEROL HEMISUCCINATE'
#
loop_
_entity_poly.entity_id
_entity_poly.type
_entity_poly.pdbx_seq_one_letter_code
_entity_poly.pdbx_strand_id
1 'polypeptide(L)'
;GCTLSAEDKAAVERSKMIDRNLREDGEKAAREVKLLLLGAGESGKSTIVKQMKIIHEAGYSEEECKQYKAVVYSNTIQSI
IAIIRAMGRLKIDFGDSARADDARQLFVLAGAAEEGFMTAELAGVIKRLWKDSGVQACFNRSREYQLNDSAAYYLNDLDR
IAQPNYIPTQQDVLRTRVKTTGIVETHFTFKDLHFKMFDVGGQRSERKKWIHCFEGVTAIIFCVALSDYDLVLAEDEEMN
RMHESMKLFDSICNNKWFTDTSIILFLNKKDLFEEKIKKSPLTICYPEYAGSNTYEEAAAYIQCQFEDLNKRKDTKEIYT
HFTCATDTKNVQFVFDAVTDVIIKNNLKDCGLF
;
A
2 'polypeptide(L)'
;GPGSSGSELDQLRQEAEQLKNQIRDARKACADATLSQITNNIDPVGRIQMRTRRTLRGHLAKIYAMHWGTDSRLLVSASQ
DGKLIIWDSYTTNKVHAIPLRSSWVMTCAYAPSGNYVACGGLDNICSIYNLKTREGNVRVSRELAGHTGYLSCCRFLDDN
QIVTSSGDTTCALWDIETGQQTTTFTGHTGDVMSLSLAPDTRLFVSGACDASAKLWDVREGMCRQTFTGHESDINAICFF
PNGNAFATGSDDATCRLFDLRADQELMTYSHDNIICGITSVSFSKSGRLLLAGYDDFNCNVWDALKADRAGVLAGHDNRV
SCLGVTDDGMAVATGSWDSFLKIWN
;
B
3 'polypeptide(L)' ASNNTASIAQARKLVEQLKMEANIDRIKVSKAAADLMAYCEAHAKEDPLLTPVPASENPFREKKFFC C
4 'polypeptide(L)'
;DVQLVESGGGLVQPGGSRKLSCSASGFAFSSFGMHWVRQAPEKGLEWVAYISSGSGTIYYADTVKGRFTISRDDPKNTLF
LQMTSLRSEDTAMYYCVRSIYYYGSSPFDFWGQGTTLTVSSGGGGSGGGGSGGGGSDIVMTQATSSVPVTPGESVSISCR
SSKSLLHSNGNTYLYWFLQRPGQSPQLLIYRMSNLASGVPDRFSGSGSGTAFTLTISRLEAEDVGVYYCMQHLEYPLTFG
AGTKLELKGSLEVLFQ
;
D
5 'polypeptide(L)'
;MLSTMAPGSTVGTLVANMTSVNATEDACTKSYSAFLSGMTSLLLVLLILLTLAGILFIIFVRKLVHRMDVWLIALLIELL
LWVLGKMIQEFSSTGLCLLTQNMMFLGLMCSVWTHLGMALEKTLALFSRTPKRTSHRNVCLYLMGVFCLVLLLIIILLIT
MGPDANLNRGPNMCREGPTKGMHTAVQGLKAGCYLLAAVLIVLLTVIIIWKLLRTKFGRKPRLICNVTFTGLICAFSWFM
LSLPLLFLGEAGSLGFDCTESLVARYYPGPAACLALLLIILYAWSFSHFMDSLKNQVTVTARYFRRVPSQSTAAALEVLF
Q
;
R
#
# COMPACT_ATOMS: atom_id res chain seq x y z
N THR A 3 -15.46 0.75 23.31
CA THR A 3 -15.81 -0.66 23.37
C THR A 3 -14.59 -1.57 23.27
N LEU A 4 -13.40 -0.98 23.33
CA LEU A 4 -12.16 -1.72 23.21
C LEU A 4 -11.54 -1.93 24.58
N SER A 5 -10.66 -2.93 24.66
CA SER A 5 -9.98 -3.28 25.89
C SER A 5 -8.91 -2.26 26.23
N ALA A 6 -8.29 -2.43 27.40
CA ALA A 6 -7.24 -1.52 27.82
C ALA A 6 -5.96 -1.71 27.05
N GLU A 7 -5.76 -2.88 26.46
CA GLU A 7 -4.60 -3.11 25.62
C GLU A 7 -4.99 -3.48 24.19
N ASP A 8 -6.22 -3.18 23.81
CA ASP A 8 -6.54 -3.03 22.40
C ASP A 8 -6.46 -1.59 21.98
N LYS A 9 -6.74 -0.67 22.90
CA LYS A 9 -6.53 0.74 22.64
C LYS A 9 -5.06 1.04 22.38
N ALA A 10 -4.17 0.35 23.08
CA ALA A 10 -2.75 0.56 22.86
C ALA A 10 -2.23 -0.12 21.60
N ALA A 11 -2.87 -1.21 21.19
CA ALA A 11 -2.54 -1.79 19.89
C ALA A 11 -2.96 -0.87 18.75
N VAL A 12 -4.14 -0.25 18.87
CA VAL A 12 -4.60 0.75 17.89
C VAL A 12 -3.70 1.97 17.90
N GLU A 13 -3.22 2.38 19.07
CA GLU A 13 -2.32 3.51 19.14
C GLU A 13 -0.96 3.21 18.53
N ARG A 14 -0.47 1.99 18.71
CA ARG A 14 0.78 1.57 18.06
C ARG A 14 0.61 1.52 16.54
N SER A 15 -0.54 1.05 16.07
CA SER A 15 -0.81 1.04 14.65
C SER A 15 -0.88 2.44 14.07
N LYS A 16 -1.45 3.40 14.81
CA LYS A 16 -1.48 4.78 14.35
C LYS A 16 -0.09 5.40 14.33
N MET A 17 0.76 5.05 15.29
CA MET A 17 2.10 5.61 15.31
C MET A 17 2.98 5.05 14.19
N ILE A 18 2.87 3.75 13.91
CA ILE A 18 3.68 3.24 12.80
C ILE A 18 3.04 3.54 11.45
N ASP A 19 1.74 3.84 11.40
CA ASP A 19 1.14 4.39 10.19
C ASP A 19 1.64 5.81 9.93
N ARG A 20 1.80 6.59 10.99
CA ARG A 20 2.43 7.90 10.87
C ARG A 20 3.87 7.79 10.38
N ASN A 21 4.60 6.78 10.85
CA ASN A 21 5.97 6.62 10.39
C ASN A 21 6.04 6.17 8.93
N LEU A 22 5.11 5.31 8.49
CA LEU A 22 5.04 4.95 7.09
C LEU A 22 4.72 6.16 6.21
N ARG A 23 3.77 6.99 6.65
CA ARG A 23 3.38 8.16 5.86
C ARG A 23 4.51 9.17 5.78
N GLU A 24 5.25 9.35 6.88
CA GLU A 24 6.38 10.27 6.88
C GLU A 24 7.52 9.76 5.99
N ASP A 25 7.84 8.47 6.07
CA ASP A 25 8.90 7.93 5.23
C ASP A 25 8.49 7.80 3.77
N GLY A 26 7.21 7.80 3.48
CA GLY A 26 6.78 7.75 2.10
C GLY A 26 6.68 9.13 1.47
N GLU A 27 6.41 10.15 2.29
CA GLU A 27 6.52 11.51 1.78
C GLU A 27 7.95 11.99 1.71
N LYS A 28 8.86 11.35 2.46
CA LYS A 28 10.28 11.69 2.33
C LYS A 28 10.89 11.04 1.11
N ALA A 29 10.55 9.79 0.82
CA ALA A 29 11.12 9.05 -0.29
C ALA A 29 10.30 9.15 -1.55
N ALA A 30 9.51 10.22 -1.70
CA ALA A 30 8.87 10.55 -2.96
C ALA A 30 9.40 11.85 -3.54
N ARG A 31 10.26 12.55 -2.81
CA ARG A 31 11.03 13.67 -3.34
C ARG A 31 12.40 13.23 -3.83
N GLU A 32 12.53 11.97 -4.22
CA GLU A 32 13.75 11.40 -4.78
C GLU A 32 13.55 11.20 -6.26
N VAL A 33 14.57 11.52 -7.05
CA VAL A 33 14.50 11.32 -8.49
C VAL A 33 15.10 9.96 -8.80
N LYS A 34 14.27 9.03 -9.25
CA LYS A 34 14.69 7.66 -9.51
C LYS A 34 14.94 7.49 -11.01
N LEU A 35 16.21 7.51 -11.41
CA LEU A 35 16.61 7.27 -12.78
C LEU A 35 16.94 5.80 -12.99
N LEU A 36 16.76 5.34 -14.21
CA LEU A 36 17.06 3.96 -14.56
C LEU A 36 18.10 3.96 -15.66
N LEU A 37 19.29 3.41 -15.38
CA LEU A 37 20.35 3.39 -16.39
C LEU A 37 20.19 2.20 -17.30
N LEU A 38 20.31 2.44 -18.61
CA LEU A 38 20.18 1.38 -19.60
C LEU A 38 21.14 1.66 -20.73
N GLY A 39 21.40 0.63 -21.51
CA GLY A 39 22.30 0.72 -22.63
C GLY A 39 22.92 -0.61 -22.94
N ALA A 40 23.60 -0.67 -24.07
CA ALA A 40 24.26 -1.91 -24.46
C ALA A 40 25.56 -2.08 -23.69
N GLY A 41 26.18 -3.24 -23.88
CA GLY A 41 27.46 -3.50 -23.24
C GLY A 41 28.57 -2.70 -23.91
N GLU A 42 29.49 -2.19 -23.07
CA GLU A 42 30.61 -1.34 -23.48
C GLU A 42 30.11 -0.11 -24.24
N SER A 43 29.09 0.54 -23.68
CA SER A 43 28.54 1.76 -24.26
C SER A 43 29.14 2.97 -23.56
N GLY A 44 28.51 3.39 -22.48
CA GLY A 44 29.05 4.48 -21.69
C GLY A 44 28.44 4.58 -20.30
N LYS A 45 27.78 3.50 -19.87
CA LYS A 45 27.09 3.52 -18.58
C LYS A 45 28.07 3.57 -17.42
N SER A 46 29.06 2.68 -17.43
CA SER A 46 30.12 2.68 -16.44
C SER A 46 31.01 3.91 -16.55
N THR A 47 31.02 4.55 -17.72
CA THR A 47 31.71 5.83 -17.84
C THR A 47 30.91 6.94 -17.16
N ILE A 48 29.62 7.07 -17.49
CA ILE A 48 28.84 8.17 -16.95
C ILE A 48 28.48 8.01 -15.48
N VAL A 49 28.65 6.82 -14.90
CA VAL A 49 28.59 6.74 -13.44
C VAL A 49 29.79 7.47 -12.84
N LYS A 50 30.97 7.32 -13.45
CA LYS A 50 32.14 8.05 -13.00
C LYS A 50 32.15 9.50 -13.45
N GLN A 51 31.36 9.85 -14.47
CA GLN A 51 31.35 11.23 -14.96
C GLN A 51 30.62 12.17 -14.01
N MET A 52 29.69 11.65 -13.22
CA MET A 52 28.79 12.48 -12.43
C MET A 52 29.08 12.37 -10.94
N LYS A 53 30.36 12.27 -10.58
CA LYS A 53 30.87 12.23 -9.20
C LYS A 53 30.26 11.08 -8.41
N ILE A 54 30.04 9.95 -9.10
CA ILE A 54 29.47 8.70 -8.56
C ILE A 54 28.13 8.92 -7.86
N THR A 181 24.95 -9.48 -9.35
CA THR A 181 25.05 -8.43 -8.34
C THR A 181 23.71 -7.76 -8.11
N GLY A 182 22.77 -7.99 -9.03
CA GLY A 182 21.45 -7.42 -8.89
C GLY A 182 21.40 -5.95 -9.29
N ILE A 183 20.53 -5.20 -8.61
CA ILE A 183 20.43 -3.77 -8.86
C ILE A 183 21.63 -3.07 -8.26
N VAL A 184 22.26 -2.20 -9.02
CA VAL A 184 23.35 -1.37 -8.53
C VAL A 184 22.81 0.03 -8.36
N GLU A 185 22.52 0.42 -7.13
CA GLU A 185 22.00 1.75 -6.84
C GLU A 185 23.13 2.71 -6.57
N THR A 186 22.96 3.94 -7.05
CA THR A 186 23.95 4.99 -6.87
C THR A 186 23.23 6.26 -6.45
N HIS A 187 23.48 6.72 -5.24
CA HIS A 187 22.89 7.95 -4.76
C HIS A 187 23.83 9.11 -5.00
N PHE A 188 23.29 10.22 -5.49
CA PHE A 188 24.05 11.46 -5.50
C PHE A 188 23.09 12.63 -5.32
N THR A 189 23.61 13.84 -5.42
CA THR A 189 22.84 15.03 -5.11
C THR A 189 23.42 16.20 -5.89
N PHE A 190 22.57 16.90 -6.63
CA PHE A 190 22.99 18.04 -7.42
C PHE A 190 21.97 19.17 -7.23
N LYS A 191 22.37 20.17 -6.43
CA LYS A 191 21.60 21.39 -6.17
C LYS A 191 20.23 21.07 -5.55
N ASP A 192 20.29 20.54 -4.33
CA ASP A 192 19.12 20.28 -3.48
C ASP A 192 18.14 19.33 -4.12
N LEU A 193 18.66 18.30 -4.80
CA LEU A 193 17.82 17.31 -5.46
C LEU A 193 18.54 15.98 -5.38
N HIS A 194 17.98 15.03 -4.66
CA HIS A 194 18.62 13.73 -4.47
C HIS A 194 18.25 12.79 -5.61
N PHE A 195 19.26 12.12 -6.15
CA PHE A 195 19.10 11.22 -7.28
C PHE A 195 19.49 9.81 -6.88
N LYS A 196 18.73 8.85 -7.37
CA LYS A 196 19.03 7.43 -7.30
C LYS A 196 19.17 6.93 -8.73
N MET A 197 20.26 6.23 -9.02
CA MET A 197 20.48 5.65 -10.33
C MET A 197 20.52 4.14 -10.21
N PHE A 198 19.69 3.46 -10.99
CA PHE A 198 19.57 2.01 -10.89
C PHE A 198 20.18 1.37 -12.12
N ASP A 199 21.47 1.06 -12.03
CA ASP A 199 22.12 0.27 -13.06
C ASP A 199 21.63 -1.16 -12.98
N VAL A 200 21.16 -1.68 -14.12
CA VAL A 200 20.59 -3.02 -14.19
C VAL A 200 21.41 -3.93 -15.10
N GLY A 201 22.67 -3.57 -15.35
CA GLY A 201 23.48 -4.35 -16.27
C GLY A 201 23.89 -5.70 -15.74
N GLY A 202 23.98 -5.85 -14.43
CA GLY A 202 24.33 -7.12 -13.83
C GLY A 202 23.17 -8.06 -13.59
N GLN A 203 21.98 -7.74 -14.09
CA GLN A 203 20.82 -8.59 -13.94
C GLN A 203 20.67 -9.42 -15.21
N ARG A 204 21.48 -10.48 -15.30
CA ARG A 204 21.47 -11.36 -16.46
C ARG A 204 20.36 -12.39 -16.28
N SER A 205 19.14 -11.98 -16.62
CA SER A 205 17.98 -12.85 -16.57
C SER A 205 16.99 -12.33 -17.62
N GLU A 206 15.71 -12.66 -17.45
CA GLU A 206 14.69 -12.22 -18.39
C GLU A 206 14.28 -10.80 -18.04
N ARG A 207 14.45 -9.87 -18.99
CA ARG A 207 14.07 -8.48 -18.76
C ARG A 207 12.57 -8.34 -18.63
N LYS A 208 11.80 -9.19 -19.28
CA LYS A 208 10.35 -9.14 -19.22
C LYS A 208 9.78 -9.62 -17.90
N LYS A 209 10.58 -9.86 -16.87
CA LYS A 209 10.08 -10.36 -15.60
C LYS A 209 10.40 -9.45 -14.43
N TRP A 210 11.19 -8.41 -14.62
CA TRP A 210 11.43 -7.47 -13.53
C TRP A 210 11.43 -6.03 -14.01
N ILE A 211 11.07 -5.75 -15.26
CA ILE A 211 11.15 -4.38 -15.73
C ILE A 211 9.99 -3.55 -15.21
N HIS A 212 8.87 -4.18 -14.86
CA HIS A 212 7.74 -3.43 -14.31
C HIS A 212 7.95 -3.01 -12.88
N CYS A 213 9.03 -3.48 -12.24
CA CYS A 213 9.44 -2.90 -10.97
C CYS A 213 9.88 -1.46 -11.15
N PHE A 214 10.38 -1.11 -12.34
CA PHE A 214 10.81 0.24 -12.64
C PHE A 214 9.76 1.04 -13.35
N GLU A 215 8.53 0.56 -13.41
CA GLU A 215 7.43 1.35 -13.95
C GLU A 215 7.11 2.45 -12.95
N GLY A 216 7.41 3.69 -13.32
CA GLY A 216 7.27 4.76 -12.37
C GLY A 216 8.57 5.45 -12.04
N VAL A 217 9.64 5.11 -12.75
CA VAL A 217 10.86 5.88 -12.62
C VAL A 217 10.64 7.27 -13.22
N THR A 218 11.46 8.21 -12.79
CA THR A 218 11.32 9.57 -13.30
C THR A 218 11.83 9.65 -14.74
N ALA A 219 12.99 9.07 -15.02
CA ALA A 219 13.58 9.14 -16.34
C ALA A 219 14.46 7.94 -16.59
N ILE A 220 14.58 7.56 -17.85
CA ILE A 220 15.48 6.50 -18.28
C ILE A 220 16.69 7.13 -18.91
N ILE A 221 17.87 6.86 -18.39
CA ILE A 221 19.12 7.34 -18.99
C ILE A 221 19.65 6.24 -19.90
N PHE A 222 19.53 6.44 -21.20
CA PHE A 222 19.92 5.45 -22.19
C PHE A 222 21.23 5.87 -22.82
N CYS A 223 22.25 5.02 -22.70
CA CYS A 223 23.57 5.33 -23.25
C CYS A 223 23.78 4.62 -24.56
N VAL A 224 24.34 5.35 -25.54
CA VAL A 224 24.66 4.78 -26.84
C VAL A 224 26.02 5.33 -27.24
N ALA A 225 26.95 4.44 -27.55
CA ALA A 225 28.25 4.86 -28.04
C ALA A 225 28.14 5.25 -29.50
N LEU A 226 28.64 6.44 -29.84
CA LEU A 226 28.62 6.89 -31.23
C LEU A 226 29.62 6.12 -32.08
N SER A 227 30.66 5.57 -31.46
CA SER A 227 31.69 4.81 -32.17
C SER A 227 31.34 3.34 -32.26
N ASP A 228 30.11 3.05 -32.65
CA ASP A 228 29.63 1.69 -32.88
C ASP A 228 28.86 1.60 -34.18
N TYR A 229 29.14 2.49 -35.11
CA TYR A 229 28.54 2.47 -36.43
C TYR A 229 29.32 1.58 -37.39
N ASP A 230 30.34 0.89 -36.91
CA ASP A 230 31.07 -0.09 -37.70
C ASP A 230 31.47 -1.32 -36.91
N LEU A 231 31.31 -1.34 -35.60
CA LEU A 231 31.68 -2.49 -34.81
C LEU A 231 30.66 -3.62 -35.00
N VAL A 232 31.12 -4.84 -34.76
CA VAL A 232 30.26 -6.02 -34.91
C VAL A 232 30.12 -6.76 -33.60
N ASN A 240 25.20 -3.76 -37.86
CA ASN A 240 26.37 -3.30 -37.11
C ASN A 240 26.12 -3.49 -35.62
N ARG A 241 26.76 -2.66 -34.80
CA ARG A 241 26.50 -2.64 -33.38
C ARG A 241 25.67 -1.44 -32.95
N MET A 242 25.51 -0.44 -33.80
CA MET A 242 24.56 0.62 -33.53
C MET A 242 23.12 0.13 -33.68
N HIS A 243 22.91 -0.90 -34.49
CA HIS A 243 21.55 -1.37 -34.73
C HIS A 243 21.03 -2.21 -33.58
N GLU A 244 21.91 -2.88 -32.84
CA GLU A 244 21.48 -3.52 -31.60
C GLU A 244 21.04 -2.48 -30.58
N SER A 245 21.74 -1.35 -30.53
CA SER A 245 21.34 -0.26 -29.65
C SER A 245 20.04 0.38 -30.11
N MET A 246 19.82 0.47 -31.42
CA MET A 246 18.55 1.01 -31.91
C MET A 246 17.40 0.07 -31.63
N LYS A 247 17.62 -1.24 -31.70
CA LYS A 247 16.59 -2.19 -31.32
C LYS A 247 16.32 -2.14 -29.82
N LEU A 248 17.35 -1.89 -29.01
CA LEU A 248 17.15 -1.74 -27.57
C LEU A 248 16.37 -0.47 -27.23
N PHE A 249 16.69 0.64 -27.92
CA PHE A 249 15.93 1.88 -27.75
C PHE A 249 14.49 1.72 -28.18
N ASP A 250 14.26 1.00 -29.27
CA ASP A 250 12.88 0.75 -29.69
C ASP A 250 12.17 -0.21 -28.75
N SER A 251 12.92 -1.07 -28.07
CA SER A 251 12.28 -2.01 -27.15
C SER A 251 11.87 -1.33 -25.85
N ILE A 252 12.72 -0.47 -25.29
CA ILE A 252 12.36 0.19 -24.04
C ILE A 252 11.61 1.50 -24.24
N CYS A 253 11.63 2.07 -25.44
CA CYS A 253 11.00 3.35 -25.67
C CYS A 253 9.53 3.21 -26.00
N ASN A 254 9.14 2.05 -26.54
CA ASN A 254 7.75 1.75 -26.87
C ASN A 254 7.23 0.61 -26.00
N ASN A 255 7.72 0.53 -24.78
CA ASN A 255 7.36 -0.54 -23.87
C ASN A 255 5.96 -0.35 -23.34
N LYS A 256 5.42 -1.40 -22.75
CA LYS A 256 4.10 -1.32 -22.13
C LYS A 256 4.15 -0.51 -20.84
N TRP A 257 5.27 -0.56 -20.12
CA TRP A 257 5.39 0.07 -18.82
C TRP A 257 5.98 1.46 -18.87
N PHE A 258 6.67 1.82 -19.95
CA PHE A 258 7.22 3.15 -20.06
C PHE A 258 6.54 3.92 -21.17
N THR A 259 5.21 3.99 -21.15
CA THR A 259 4.48 4.75 -22.14
C THR A 259 4.57 6.25 -21.94
N ASP A 260 5.04 6.70 -20.78
CA ASP A 260 5.16 8.12 -20.52
C ASP A 260 6.45 8.49 -19.82
N THR A 261 7.37 7.56 -19.64
CA THR A 261 8.63 7.87 -18.99
C THR A 261 9.56 8.55 -19.99
N SER A 262 10.02 9.74 -19.65
CA SER A 262 10.93 10.46 -20.51
C SER A 262 12.29 9.78 -20.54
N ILE A 263 13.02 10.00 -21.62
CA ILE A 263 14.27 9.32 -21.87
C ILE A 263 15.33 10.37 -22.06
N ILE A 264 16.28 10.44 -21.14
CA ILE A 264 17.52 11.12 -21.41
C ILE A 264 18.35 10.20 -22.28
N LEU A 265 18.91 10.72 -23.36
CA LEU A 265 19.64 9.91 -24.33
C LEU A 265 21.05 10.45 -24.45
N PHE A 266 22.00 9.72 -23.89
CA PHE A 266 23.40 10.11 -23.97
C PHE A 266 24.04 9.43 -25.18
N LEU A 267 24.74 10.21 -25.98
CA LEU A 267 25.54 9.70 -27.09
C LEU A 267 27.00 9.94 -26.71
N ASN A 268 27.73 8.86 -26.49
CA ASN A 268 29.05 8.89 -25.91
C ASN A 268 30.13 8.95 -26.97
N LYS A 269 31.34 9.32 -26.51
CA LYS A 269 32.59 9.50 -27.25
C LYS A 269 32.41 10.14 -28.63
N LYS A 270 31.98 11.39 -28.64
CA LYS A 270 31.91 12.12 -29.89
C LYS A 270 33.29 12.48 -30.41
N ASP A 271 34.26 12.71 -29.52
CA ASP A 271 35.59 13.12 -29.94
C ASP A 271 36.39 11.98 -30.54
N LEU A 272 35.97 10.74 -30.31
CA LEU A 272 36.53 9.60 -31.03
C LEU A 272 35.69 9.21 -32.24
N PHE A 273 34.39 9.52 -32.21
CA PHE A 273 33.55 9.29 -33.38
C PHE A 273 33.95 10.20 -34.54
N GLU A 274 34.35 11.44 -34.24
CA GLU A 274 34.87 12.31 -35.29
C GLU A 274 36.27 11.92 -35.72
N GLU A 275 37.02 11.22 -34.89
CA GLU A 275 38.34 10.76 -35.32
C GLU A 275 38.21 9.62 -36.33
N LYS A 276 37.24 8.72 -36.14
CA LYS A 276 37.04 7.62 -37.05
C LYS A 276 36.01 7.92 -38.13
N ILE A 277 35.56 9.17 -38.26
CA ILE A 277 34.67 9.54 -39.35
C ILE A 277 35.46 10.04 -40.56
N LYS A 278 36.74 10.35 -40.40
CA LYS A 278 37.55 10.76 -41.53
C LYS A 278 37.89 9.60 -42.45
N LYS A 279 37.90 8.38 -41.92
CA LYS A 279 38.23 7.19 -42.70
C LYS A 279 36.97 6.53 -43.23
N SER A 280 36.32 5.71 -42.40
CA SER A 280 35.14 4.98 -42.83
C SER A 280 33.93 5.91 -42.91
N PRO A 281 33.09 5.75 -43.92
CA PRO A 281 31.90 6.59 -44.02
C PRO A 281 30.78 6.09 -43.15
N LEU A 282 29.80 6.97 -42.92
CA LEU A 282 28.60 6.61 -42.18
C LEU A 282 27.63 5.77 -43.01
N THR A 283 27.86 5.65 -44.31
CA THR A 283 26.94 4.93 -45.19
C THR A 283 26.99 3.43 -44.95
N ILE A 284 28.05 2.91 -44.32
CA ILE A 284 28.16 1.48 -44.08
C ILE A 284 27.23 0.97 -43.00
N CYS A 285 26.60 1.87 -42.24
CA CYS A 285 25.55 1.49 -41.31
C CYS A 285 24.19 2.07 -41.69
N TYR A 286 24.17 3.17 -42.43
CA TYR A 286 22.93 3.77 -42.93
C TYR A 286 22.98 3.81 -44.44
N PRO A 287 22.37 2.83 -45.13
CA PRO A 287 22.39 2.85 -46.60
C PRO A 287 21.50 3.91 -47.21
N GLU A 288 20.58 4.50 -46.46
CA GLU A 288 19.74 5.58 -46.96
C GLU A 288 20.33 6.95 -46.67
N TYR A 289 21.58 7.01 -46.22
CA TYR A 289 22.21 8.28 -45.85
C TYR A 289 22.59 9.03 -47.12
N ALA A 290 21.76 9.98 -47.51
CA ALA A 290 22.08 10.89 -48.61
C ALA A 290 22.66 12.18 -48.03
N GLY A 291 23.85 12.06 -47.46
CA GLY A 291 24.46 13.19 -46.79
C GLY A 291 25.98 13.09 -46.86
N SER A 292 26.62 14.08 -46.25
CA SER A 292 28.07 14.20 -46.28
C SER A 292 28.71 13.36 -45.19
N ASN A 293 30.04 13.41 -45.11
CA ASN A 293 30.81 12.75 -44.06
C ASN A 293 31.36 13.76 -43.06
N THR A 294 30.70 14.89 -42.91
CA THR A 294 31.05 15.84 -41.86
C THR A 294 30.61 15.27 -40.52
N TYR A 295 31.38 15.57 -39.47
CA TYR A 295 31.08 15.07 -38.14
C TYR A 295 29.75 15.61 -37.62
N GLU A 296 29.48 16.89 -37.85
CA GLU A 296 28.23 17.47 -37.36
C GLU A 296 27.02 16.91 -38.09
N GLU A 297 27.14 16.73 -39.40
CA GLU A 297 26.03 16.19 -40.19
C GLU A 297 25.77 14.74 -39.85
N ALA A 298 26.83 13.95 -39.64
CA ALA A 298 26.66 12.55 -39.28
C ALA A 298 26.09 12.42 -37.87
N ALA A 299 26.53 13.26 -36.94
CA ALA A 299 26.02 13.22 -35.58
C ALA A 299 24.56 13.63 -35.52
N ALA A 300 24.18 14.66 -36.28
CA ALA A 300 22.78 15.06 -36.34
C ALA A 300 21.92 14.01 -37.03
N TYR A 301 22.47 13.29 -38.01
CA TYR A 301 21.72 12.21 -38.63
C TYR A 301 21.52 11.04 -37.67
N ILE A 302 22.53 10.75 -36.85
CA ILE A 302 22.40 9.68 -35.87
C ILE A 302 21.37 10.03 -34.81
N GLN A 303 21.40 11.29 -34.33
CA GLN A 303 20.42 11.74 -33.34
C GLN A 303 19.00 11.73 -33.90
N CYS A 304 18.82 12.20 -35.12
CA CYS A 304 17.48 12.20 -35.70
C CYS A 304 17.05 10.79 -36.13
N GLN A 305 17.99 9.86 -36.28
CA GLN A 305 17.62 8.47 -36.48
C GLN A 305 17.23 7.79 -35.18
N PHE A 306 17.70 8.32 -34.04
CA PHE A 306 17.28 7.76 -32.76
C PHE A 306 15.94 8.32 -32.31
N GLU A 307 15.74 9.64 -32.41
CA GLU A 307 14.58 10.31 -31.83
C GLU A 307 13.28 10.06 -32.57
N ASP A 308 13.28 9.35 -33.69
CA ASP A 308 12.02 9.03 -34.36
C ASP A 308 11.61 7.58 -34.15
N LEU A 309 12.18 6.93 -33.15
CA LEU A 309 11.79 5.58 -32.81
C LEU A 309 10.60 5.52 -31.86
N ASN A 310 10.30 6.61 -31.14
CA ASN A 310 9.13 6.61 -30.26
C ASN A 310 7.88 6.84 -31.08
N LYS A 311 6.95 5.90 -30.99
CA LYS A 311 5.65 6.10 -31.59
C LYS A 311 4.80 7.07 -30.77
N ARG A 312 5.16 7.27 -29.50
CA ARG A 312 4.41 8.13 -28.60
C ARG A 312 5.12 9.48 -28.58
N LYS A 313 4.91 10.24 -29.65
CA LYS A 313 5.59 11.52 -29.79
C LYS A 313 5.01 12.60 -28.89
N ASP A 314 3.78 12.41 -28.43
CA ASP A 314 3.09 13.38 -27.59
C ASP A 314 3.15 13.03 -26.11
N THR A 315 3.14 11.75 -25.77
CA THR A 315 3.09 11.34 -24.37
C THR A 315 4.45 11.50 -23.69
N LYS A 316 5.53 11.22 -24.41
CA LYS A 316 6.86 11.27 -23.84
C LYS A 316 7.76 12.13 -24.70
N GLU A 317 9.00 12.30 -24.26
CA GLU A 317 9.95 13.13 -24.97
C GLU A 317 11.36 12.60 -24.72
N ILE A 318 12.30 13.04 -25.56
CA ILE A 318 13.67 12.56 -25.53
C ILE A 318 14.60 13.76 -25.42
N TYR A 319 15.56 13.70 -24.51
CA TYR A 319 16.52 14.77 -24.27
C TYR A 319 17.91 14.29 -24.70
N THR A 320 18.29 14.59 -25.93
CA THR A 320 19.52 14.05 -26.50
C THR A 320 20.70 14.95 -26.18
N HIS A 321 21.84 14.32 -25.88
CA HIS A 321 23.06 15.04 -25.54
C HIS A 321 24.26 14.34 -26.17
N PHE A 322 25.31 15.12 -26.44
CA PHE A 322 26.57 14.61 -26.95
C PHE A 322 27.62 14.84 -25.88
N THR A 323 28.12 13.76 -25.28
CA THR A 323 29.07 13.87 -24.19
C THR A 323 30.41 13.24 -24.56
N CYS A 324 31.39 13.48 -23.72
CA CYS A 324 32.72 12.90 -23.86
C CYS A 324 33.37 12.84 -22.49
N ALA A 325 34.63 12.39 -22.45
CA ALA A 325 35.34 12.23 -21.20
C ALA A 325 35.74 13.55 -20.54
N THR A 326 35.77 14.64 -21.31
CA THR A 326 36.14 15.96 -20.82
C THR A 326 34.94 16.87 -21.01
N ASP A 327 34.11 16.99 -19.96
CA ASP A 327 32.88 17.77 -20.04
C ASP A 327 32.60 18.52 -18.75
N THR A 328 32.40 17.78 -17.66
CA THR A 328 31.93 18.28 -16.36
C THR A 328 30.65 19.10 -16.50
N LYS A 329 29.74 18.61 -17.34
CA LYS A 329 28.47 19.28 -17.57
C LYS A 329 27.38 18.31 -17.99
N ASN A 330 27.66 17.00 -17.98
CA ASN A 330 26.63 16.02 -18.26
C ASN A 330 25.64 15.91 -17.13
N VAL A 331 26.11 16.08 -15.89
CA VAL A 331 25.22 16.07 -14.74
C VAL A 331 24.32 17.30 -14.75
N GLN A 332 24.80 18.42 -15.30
CA GLN A 332 23.93 19.58 -15.43
C GLN A 332 22.88 19.37 -16.51
N PHE A 333 23.20 18.61 -17.55
CA PHE A 333 22.17 18.25 -18.52
C PHE A 333 21.15 17.31 -17.90
N VAL A 334 21.61 16.38 -17.06
CA VAL A 334 20.70 15.47 -16.37
C VAL A 334 19.77 16.25 -15.46
N PHE A 335 20.31 17.25 -14.76
CA PHE A 335 19.51 18.07 -13.85
C PHE A 335 18.51 18.93 -14.61
N ASP A 336 18.96 19.61 -15.66
CA ASP A 336 18.08 20.43 -16.48
C ASP A 336 17.06 19.61 -17.26
N ALA A 337 17.34 18.33 -17.50
CA ALA A 337 16.40 17.48 -18.20
C ALA A 337 15.40 16.82 -17.28
N VAL A 338 15.77 16.51 -16.04
CA VAL A 338 14.78 15.95 -15.12
C VAL A 338 14.00 17.03 -14.39
N THR A 339 14.44 18.30 -14.43
CA THR A 339 13.57 19.34 -13.91
C THR A 339 12.33 19.51 -14.76
N ASP A 340 12.44 19.30 -16.07
CA ASP A 340 11.26 19.35 -16.92
C ASP A 340 10.35 18.16 -16.68
N VAL A 341 10.91 16.98 -16.37
CA VAL A 341 10.07 15.85 -16.04
C VAL A 341 9.40 16.04 -14.67
N ILE A 342 10.10 16.71 -13.75
CA ILE A 342 9.53 17.03 -12.44
C ILE A 342 8.38 18.01 -12.59
N ILE A 343 8.55 19.05 -13.41
CA ILE A 343 7.48 20.01 -13.66
C ILE A 343 6.31 19.34 -14.38
N LYS A 344 6.60 18.43 -15.32
CA LYS A 344 5.54 17.74 -16.03
C LYS A 344 4.75 16.82 -15.11
N ASN A 345 5.42 16.19 -14.15
CA ASN A 345 4.70 15.31 -13.25
C ASN A 345 3.92 16.08 -12.19
N ASN A 346 4.45 17.22 -11.73
CA ASN A 346 3.67 18.10 -10.86
C ASN A 346 2.43 18.61 -11.58
N LEU A 347 2.56 18.93 -12.86
CA LEU A 347 1.42 19.39 -13.63
C LEU A 347 0.45 18.25 -13.94
N LYS A 348 0.95 17.02 -14.04
CA LYS A 348 0.06 15.88 -14.18
C LYS A 348 -0.72 15.64 -12.90
N ASP A 349 -0.14 15.93 -11.74
CA ASP A 349 -0.87 15.76 -10.49
C ASP A 349 -1.98 16.79 -10.33
N CYS A 350 -1.83 17.96 -10.96
CA CYS A 350 -2.84 19.01 -10.87
C CYS A 350 -3.96 18.85 -11.89
N GLY A 351 -3.88 17.85 -12.76
CA GLY A 351 -4.94 17.56 -13.69
C GLY A 351 -4.61 17.83 -15.14
N LEU A 352 -3.62 18.69 -15.40
CA LEU A 352 -3.26 19.08 -16.76
C LEU A 352 -2.21 18.12 -17.29
N PHE A 353 -2.63 17.16 -18.09
CA PHE A 353 -1.67 16.19 -18.60
C PHE A 353 -0.90 16.73 -19.78
N ASP B 10 25.03 -34.56 -31.69
CA ASP B 10 25.47 -35.89 -31.34
C ASP B 10 24.27 -36.84 -31.33
N GLN B 11 24.52 -38.13 -31.16
CA GLN B 11 23.48 -39.15 -31.14
C GLN B 11 22.74 -39.23 -29.81
N LEU B 12 23.13 -38.42 -28.82
CA LEU B 12 22.43 -38.44 -27.55
C LEU B 12 21.08 -37.74 -27.64
N ARG B 13 20.94 -36.80 -28.58
CA ARG B 13 19.66 -36.12 -28.76
C ARG B 13 18.58 -37.05 -29.27
N GLN B 14 18.96 -38.04 -30.09
CA GLN B 14 18.00 -39.06 -30.51
C GLN B 14 17.59 -39.95 -29.34
N GLU B 15 18.52 -40.21 -28.41
CA GLU B 15 18.17 -40.97 -27.21
C GLU B 15 17.23 -40.16 -26.32
N ALA B 16 17.45 -38.85 -26.22
CA ALA B 16 16.55 -37.99 -25.46
C ALA B 16 15.17 -37.92 -26.10
N GLU B 17 15.11 -37.88 -27.43
CA GLU B 17 13.82 -37.87 -28.11
C GLU B 17 13.09 -39.20 -27.96
N GLN B 18 13.84 -40.31 -27.99
CA GLN B 18 13.24 -41.62 -27.78
C GLN B 18 12.70 -41.76 -26.36
N LEU B 19 13.45 -41.27 -25.37
CA LEU B 19 12.98 -41.33 -23.99
C LEU B 19 11.81 -40.39 -23.75
N LYS B 20 11.77 -39.25 -24.43
CA LYS B 20 10.63 -38.35 -24.33
C LYS B 20 9.38 -38.97 -24.95
N ASN B 21 9.53 -39.66 -26.08
CA ASN B 21 8.40 -40.37 -26.68
C ASN B 21 7.97 -41.55 -25.80
N GLN B 22 8.92 -42.19 -25.11
CA GLN B 22 8.58 -43.24 -24.17
C GLN B 22 7.75 -42.70 -23.01
N ILE B 23 8.16 -41.54 -22.47
CA ILE B 23 7.43 -40.93 -21.35
C ILE B 23 6.06 -40.45 -21.82
N ARG B 24 5.96 -39.92 -23.04
CA ARG B 24 4.67 -39.48 -23.57
C ARG B 24 3.72 -40.66 -23.78
N ASP B 25 4.23 -41.79 -24.28
CA ASP B 25 3.40 -42.98 -24.44
C ASP B 25 3.00 -43.56 -23.10
N ALA B 26 3.89 -43.49 -22.11
CA ALA B 26 3.58 -44.02 -20.78
C ALA B 26 2.50 -43.20 -20.09
N ARG B 27 2.62 -41.87 -20.14
CA ARG B 27 1.62 -41.03 -19.50
C ARG B 27 0.36 -40.88 -20.34
N LYS B 28 0.38 -41.27 -21.61
CA LYS B 28 -0.85 -41.38 -22.38
C LYS B 28 -1.54 -42.72 -22.19
N ALA B 29 -0.79 -43.75 -21.77
CA ALA B 29 -1.38 -45.07 -21.56
C ALA B 29 -2.28 -45.10 -20.33
N CYS B 30 -1.97 -44.29 -19.32
CA CYS B 30 -2.70 -44.33 -18.06
C CYS B 30 -3.86 -43.35 -18.01
N ALA B 31 -4.16 -42.66 -19.10
CA ALA B 31 -5.27 -41.70 -19.13
C ALA B 31 -6.55 -42.47 -19.44
N ASP B 32 -7.07 -43.16 -18.42
CA ASP B 32 -8.24 -44.00 -18.58
C ASP B 32 -9.52 -43.20 -18.77
N ALA B 33 -9.56 -41.95 -18.33
CA ALA B 33 -10.75 -41.11 -18.42
C ALA B 33 -10.30 -39.67 -18.42
N THR B 34 -11.25 -38.76 -18.30
CA THR B 34 -10.96 -37.35 -18.08
C THR B 34 -11.64 -36.89 -16.79
N LEU B 35 -11.21 -35.74 -16.28
CA LEU B 35 -11.75 -35.27 -15.02
C LEU B 35 -13.19 -34.79 -15.15
N SER B 36 -13.55 -34.27 -16.33
CA SER B 36 -14.89 -33.73 -16.53
C SER B 36 -15.94 -34.84 -16.55
N GLN B 37 -15.69 -35.93 -17.26
CA GLN B 37 -16.69 -36.98 -17.38
C GLN B 37 -16.80 -37.84 -16.13
N ILE B 38 -15.87 -37.71 -15.18
CA ILE B 38 -16.06 -38.30 -13.87
C ILE B 38 -16.75 -37.31 -12.93
N THR B 39 -16.42 -36.02 -13.04
CA THR B 39 -17.00 -35.03 -12.15
C THR B 39 -18.34 -34.48 -12.63
N ASN B 40 -18.91 -35.02 -13.70
CA ASN B 40 -20.29 -34.67 -14.05
C ASN B 40 -21.31 -35.13 -13.02
N ASN B 41 -20.98 -36.14 -12.20
CA ASN B 41 -21.87 -36.59 -11.14
C ASN B 41 -21.70 -35.81 -9.85
N ILE B 42 -21.31 -34.53 -9.94
CA ILE B 42 -21.02 -33.70 -8.79
C ILE B 42 -21.81 -32.41 -8.91
N ASP B 43 -22.57 -32.09 -7.87
CA ASP B 43 -23.35 -30.86 -7.84
C ASP B 43 -22.41 -29.65 -7.81
N PRO B 44 -22.60 -28.67 -8.70
CA PRO B 44 -21.75 -27.48 -8.66
C PRO B 44 -21.96 -26.64 -7.42
N VAL B 45 -20.96 -25.79 -7.13
CA VAL B 45 -20.99 -25.01 -5.91
C VAL B 45 -21.84 -23.76 -6.05
N GLY B 46 -22.31 -23.44 -7.24
CA GLY B 46 -23.16 -22.29 -7.42
C GLY B 46 -22.39 -20.98 -7.46
N ARG B 47 -23.15 -19.91 -7.39
CA ARG B 47 -22.59 -18.56 -7.49
C ARG B 47 -21.96 -18.20 -6.16
N ILE B 48 -20.64 -18.36 -6.06
CA ILE B 48 -19.91 -17.99 -4.86
C ILE B 48 -19.77 -16.47 -4.85
N GLN B 49 -20.35 -15.83 -3.85
CA GLN B 49 -20.31 -14.38 -3.70
C GLN B 49 -19.51 -14.05 -2.45
N MET B 50 -18.43 -13.31 -2.62
CA MET B 50 -17.55 -12.94 -1.52
C MET B 50 -17.50 -11.43 -1.40
N ARG B 51 -17.53 -10.94 -0.17
CA ARG B 51 -17.59 -9.52 0.11
C ARG B 51 -16.29 -9.09 0.78
N THR B 52 -15.83 -7.89 0.46
CA THR B 52 -14.64 -7.34 1.08
C THR B 52 -14.93 -7.02 2.53
N ARG B 53 -14.39 -7.82 3.45
CA ARG B 53 -14.56 -7.53 4.86
C ARG B 53 -13.60 -6.42 5.25
N ARG B 54 -12.37 -6.77 5.57
CA ARG B 54 -11.38 -5.73 5.85
C ARG B 54 -10.77 -5.21 4.56
N THR B 55 -10.11 -4.07 4.69
CA THR B 55 -9.33 -3.48 3.60
C THR B 55 -8.11 -2.85 4.25
N LEU B 56 -7.00 -3.56 4.22
CA LEU B 56 -5.78 -3.09 4.86
C LEU B 56 -5.10 -2.10 3.93
N ARG B 57 -4.98 -0.86 4.37
CA ARG B 57 -4.30 0.18 3.60
C ARG B 57 -3.17 0.78 4.40
N GLY B 58 -2.06 1.03 3.73
CA GLY B 58 -0.87 1.51 4.40
C GLY B 58 0.34 1.48 3.51
N HIS B 59 0.31 0.64 2.48
CA HIS B 59 1.40 0.60 1.52
C HIS B 59 1.30 1.78 0.57
N LEU B 60 2.45 2.20 0.06
CA LEU B 60 2.53 3.37 -0.80
C LEU B 60 2.88 3.06 -2.24
N ALA B 61 3.57 1.96 -2.50
CA ALA B 61 3.83 1.48 -3.85
C ALA B 61 3.17 0.11 -4.00
N LYS B 62 3.42 -0.54 -5.13
CA LYS B 62 2.71 -1.77 -5.46
C LYS B 62 3.10 -2.93 -4.56
N ILE B 63 2.13 -3.77 -4.22
CA ILE B 63 2.33 -4.89 -3.32
C ILE B 63 2.72 -6.10 -4.16
N TYR B 64 3.91 -6.65 -3.92
CA TYR B 64 4.35 -7.75 -4.76
C TYR B 64 4.19 -9.12 -4.14
N ALA B 65 4.05 -9.22 -2.83
CA ALA B 65 3.91 -10.52 -2.22
C ALA B 65 3.09 -10.41 -0.95
N MET B 66 2.68 -11.57 -0.44
CA MET B 66 2.01 -11.69 0.84
C MET B 66 2.18 -13.12 1.32
N HIS B 67 1.95 -13.32 2.62
CA HIS B 67 1.82 -14.66 3.15
C HIS B 67 1.01 -14.57 4.42
N TRP B 68 0.13 -15.54 4.63
CA TRP B 68 -0.69 -15.57 5.83
C TRP B 68 0.13 -16.09 7.01
N GLY B 69 -0.52 -16.29 8.14
CA GLY B 69 0.14 -16.95 9.25
C GLY B 69 -0.54 -18.27 9.50
N THR B 70 0.12 -19.17 10.22
CA THR B 70 -0.51 -20.45 10.50
C THR B 70 -1.62 -20.34 11.53
N ASP B 71 -1.63 -19.27 12.32
CA ASP B 71 -2.78 -18.98 13.17
C ASP B 71 -3.91 -18.30 12.41
N SER B 72 -3.66 -17.97 11.13
CA SER B 72 -4.67 -17.47 10.19
C SER B 72 -5.24 -16.13 10.61
N ARG B 73 -4.50 -15.38 11.39
CA ARG B 73 -4.92 -14.06 11.82
C ARG B 73 -3.93 -12.99 11.38
N LEU B 74 -2.66 -13.21 11.61
CA LEU B 74 -1.64 -12.28 11.14
C LEU B 74 -1.27 -12.61 9.70
N LEU B 75 -0.94 -11.57 8.94
CA LEU B 75 -0.36 -11.79 7.63
C LEU B 75 0.75 -10.80 7.41
N VAL B 76 1.60 -11.09 6.44
CA VAL B 76 2.70 -10.21 6.09
C VAL B 76 2.52 -9.78 4.65
N SER B 77 2.93 -8.57 4.33
CA SER B 77 2.87 -8.12 2.95
C SER B 77 4.11 -7.31 2.65
N ALA B 78 4.67 -7.52 1.48
CA ALA B 78 5.90 -6.87 1.05
C ALA B 78 5.61 -6.00 -0.15
N SER B 79 6.13 -4.78 -0.14
CA SER B 79 5.85 -3.90 -1.23
C SER B 79 7.10 -3.17 -1.67
N GLN B 80 6.97 -2.49 -2.81
CA GLN B 80 8.04 -1.82 -3.51
C GLN B 80 8.40 -0.47 -2.91
N ASP B 81 7.77 -0.04 -1.82
CA ASP B 81 8.24 1.13 -1.10
C ASP B 81 9.26 0.77 -0.06
N GLY B 82 9.79 -0.45 -0.10
CA GLY B 82 10.79 -0.85 0.86
C GLY B 82 10.23 -1.19 2.22
N LYS B 83 9.03 -1.74 2.29
CA LYS B 83 8.38 -2.04 3.54
C LYS B 83 7.81 -3.44 3.52
N LEU B 84 8.09 -4.20 4.57
CA LEU B 84 7.29 -5.33 4.98
C LEU B 84 6.35 -4.82 6.06
N ILE B 85 5.12 -5.31 6.08
CA ILE B 85 4.18 -4.96 7.13
C ILE B 85 3.51 -6.23 7.61
N ILE B 86 3.56 -6.49 8.90
CA ILE B 86 2.79 -7.57 9.51
C ILE B 86 1.53 -6.95 10.05
N TRP B 87 0.40 -7.31 9.45
CA TRP B 87 -0.92 -6.84 9.81
C TRP B 87 -1.63 -7.87 10.68
N ASP B 88 -2.40 -7.37 11.63
CA ASP B 88 -3.43 -8.14 12.30
C ASP B 88 -4.68 -7.99 11.44
N SER B 89 -5.07 -9.06 10.75
CA SER B 89 -6.15 -8.94 9.79
C SER B 89 -7.52 -8.87 10.43
N TYR B 90 -7.64 -9.17 11.72
CA TYR B 90 -8.95 -9.08 12.35
C TYR B 90 -9.32 -7.63 12.63
N THR B 91 -8.37 -6.86 13.13
CA THR B 91 -8.62 -5.49 13.54
C THR B 91 -7.98 -4.45 12.62
N THR B 92 -7.34 -4.88 11.53
CA THR B 92 -6.61 -4.06 10.56
C THR B 92 -5.49 -3.23 11.19
N ASN B 93 -5.00 -3.60 12.35
CA ASN B 93 -3.89 -2.90 12.96
C ASN B 93 -2.58 -3.43 12.41
N LYS B 94 -1.68 -2.53 12.06
CA LYS B 94 -0.35 -2.96 11.69
C LYS B 94 0.39 -3.38 12.95
N VAL B 95 0.78 -4.64 13.03
CA VAL B 95 1.56 -5.09 14.17
C VAL B 95 3.00 -4.65 14.03
N HIS B 96 3.60 -4.88 12.87
CA HIS B 96 4.99 -4.50 12.65
C HIS B 96 5.12 -3.84 11.29
N ALA B 97 6.15 -3.01 11.14
CA ALA B 97 6.51 -2.45 9.85
C ALA B 97 8.03 -2.44 9.76
N ILE B 98 8.56 -3.30 8.90
CA ILE B 98 10.00 -3.53 8.80
C ILE B 98 10.53 -2.78 7.58
N PRO B 99 11.53 -1.94 7.73
CA PRO B 99 12.16 -1.31 6.57
C PRO B 99 13.23 -2.18 5.96
N LEU B 100 13.22 -2.34 4.65
CA LEU B 100 14.18 -3.18 3.96
C LEU B 100 15.31 -2.32 3.40
N ARG B 101 16.48 -2.92 3.28
CA ARG B 101 17.62 -2.24 2.70
C ARG B 101 17.67 -2.37 1.18
N SER B 102 16.71 -3.08 0.59
CA SER B 102 16.57 -3.15 -0.85
C SER B 102 15.10 -2.99 -1.18
N SER B 103 14.76 -1.93 -1.90
CA SER B 103 13.39 -1.58 -2.19
C SER B 103 12.73 -2.47 -3.24
N TRP B 104 13.42 -3.46 -3.79
CA TRP B 104 12.93 -4.20 -4.95
C TRP B 104 12.62 -5.63 -4.55
N VAL B 105 11.60 -5.80 -3.71
CA VAL B 105 11.25 -7.11 -3.17
C VAL B 105 10.11 -7.71 -3.98
N MET B 106 10.29 -8.96 -4.37
CA MET B 106 9.31 -9.65 -5.20
C MET B 106 8.71 -10.84 -4.49
N THR B 107 9.18 -11.15 -3.28
CA THR B 107 8.66 -12.29 -2.54
C THR B 107 8.74 -11.99 -1.06
N CYS B 108 7.93 -12.73 -0.29
CA CYS B 108 7.98 -12.69 1.15
C CYS B 108 7.37 -13.97 1.68
N ALA B 109 7.71 -14.30 2.92
CA ALA B 109 7.28 -15.55 3.51
C ALA B 109 7.22 -15.42 5.01
N TYR B 110 6.18 -16.00 5.59
CA TYR B 110 5.95 -15.98 7.04
C TYR B 110 6.24 -17.37 7.57
N ALA B 111 7.09 -17.44 8.59
CA ALA B 111 7.52 -18.72 9.12
C ALA B 111 6.37 -19.44 9.82
N PRO B 112 6.30 -20.77 9.72
CA PRO B 112 5.13 -21.47 10.27
C PRO B 112 5.10 -21.50 11.79
N SER B 113 6.22 -21.26 12.46
CA SER B 113 6.18 -21.06 13.89
C SER B 113 5.71 -19.66 14.23
N GLY B 114 6.10 -18.68 13.45
CA GLY B 114 5.72 -17.31 13.65
C GLY B 114 6.84 -16.42 14.12
N ASN B 115 8.02 -16.99 14.40
CA ASN B 115 9.10 -16.17 14.90
C ASN B 115 9.81 -15.40 13.82
N TYR B 116 9.73 -15.83 12.56
CA TYR B 116 10.57 -15.30 11.52
C TYR B 116 9.75 -14.83 10.34
N VAL B 117 10.38 -14.00 9.52
CA VAL B 117 9.80 -13.59 8.25
C VAL B 117 10.95 -13.43 7.29
N ALA B 118 10.69 -13.58 5.99
CA ALA B 118 11.74 -13.53 4.99
C ALA B 118 11.30 -12.62 3.86
N CYS B 119 12.27 -12.05 3.16
CA CYS B 119 11.95 -11.32 1.94
C CYS B 119 13.14 -11.36 1.01
N GLY B 120 12.87 -11.26 -0.28
CA GLY B 120 13.94 -11.24 -1.26
C GLY B 120 13.45 -10.63 -2.54
N GLY B 121 14.40 -10.26 -3.38
CA GLY B 121 14.00 -9.71 -4.65
C GLY B 121 15.13 -9.48 -5.62
N LEU B 122 15.26 -8.26 -6.11
CA LEU B 122 16.17 -7.99 -7.20
C LEU B 122 17.60 -7.81 -6.75
N ASP B 123 17.90 -7.92 -5.47
CA ASP B 123 19.29 -7.89 -5.02
C ASP B 123 19.83 -9.27 -4.76
N ASN B 124 19.09 -10.31 -5.17
CA ASN B 124 19.47 -11.72 -5.17
C ASN B 124 19.73 -12.29 -3.77
N ILE B 125 19.28 -11.61 -2.72
CA ILE B 125 19.58 -11.97 -1.34
C ILE B 125 18.28 -12.16 -0.60
N CYS B 126 18.17 -13.26 0.15
CA CYS B 126 16.99 -13.56 0.96
C CYS B 126 17.30 -13.17 2.40
N SER B 127 16.68 -12.11 2.89
CA SER B 127 16.90 -11.67 4.26
C SER B 127 15.87 -12.29 5.17
N ILE B 128 16.34 -12.75 6.33
CA ILE B 128 15.52 -13.38 7.36
C ILE B 128 15.52 -12.48 8.57
N TYR B 129 14.33 -12.02 8.96
CA TYR B 129 14.09 -11.12 10.07
C TYR B 129 13.45 -11.85 11.23
N ASN B 130 13.81 -11.43 12.44
CA ASN B 130 13.47 -12.07 13.69
C ASN B 130 12.36 -11.28 14.36
N LEU B 131 11.14 -11.79 14.31
CA LEU B 131 10.00 -11.05 14.85
C LEU B 131 9.96 -11.10 16.36
N LYS B 132 9.79 -12.29 16.91
CA LYS B 132 9.70 -12.51 18.35
C LYS B 132 11.10 -12.44 18.93
N THR B 133 11.53 -11.23 19.21
CA THR B 133 12.84 -10.96 19.76
C THR B 133 12.70 -10.20 21.07
N ARG B 134 13.80 -10.16 21.81
CA ARG B 134 13.92 -9.19 22.87
C ARG B 134 14.35 -7.87 22.26
N GLU B 135 14.61 -6.87 23.11
CA GLU B 135 14.99 -5.49 22.78
C GLU B 135 14.05 -4.83 21.75
N GLY B 136 12.81 -5.28 21.67
CA GLY B 136 11.83 -4.55 20.91
C GLY B 136 11.71 -4.88 19.44
N ASN B 137 12.38 -4.08 18.62
CA ASN B 137 12.12 -4.01 17.18
C ASN B 137 12.60 -5.25 16.44
N VAL B 138 12.06 -5.44 15.24
CA VAL B 138 12.49 -6.53 14.37
C VAL B 138 13.85 -6.21 13.78
N ARG B 139 14.76 -7.17 13.82
CA ARG B 139 16.08 -6.98 13.25
C ARG B 139 16.44 -8.18 12.37
N VAL B 140 17.44 -7.99 11.51
CA VAL B 140 17.78 -8.95 10.48
C VAL B 140 18.57 -10.08 11.09
N SER B 141 18.05 -11.30 10.99
CA SER B 141 18.78 -12.44 11.56
C SER B 141 19.84 -12.94 10.59
N ARG B 142 19.48 -13.14 9.32
CA ARG B 142 20.44 -13.75 8.40
C ARG B 142 20.18 -13.33 6.97
N GLU B 143 21.20 -12.83 6.29
CA GLU B 143 21.12 -12.55 4.86
C GLU B 143 21.72 -13.73 4.11
N LEU B 144 20.91 -14.38 3.28
CA LEU B 144 21.32 -15.54 2.51
C LEU B 144 21.61 -15.08 1.09
N ALA B 145 22.89 -14.96 0.76
CA ALA B 145 23.35 -14.64 -0.58
C ALA B 145 23.96 -15.87 -1.20
N GLY B 146 23.74 -16.05 -2.50
CA GLY B 146 24.25 -17.22 -3.18
C GLY B 146 23.65 -17.39 -4.56
N HIS B 147 22.42 -16.93 -4.74
CA HIS B 147 21.82 -16.94 -6.06
C HIS B 147 22.44 -15.86 -6.91
N THR B 148 22.39 -16.06 -8.23
CA THR B 148 22.93 -15.09 -9.17
C THR B 148 21.86 -14.36 -9.97
N GLY B 149 20.60 -14.75 -9.84
CA GLY B 149 19.49 -14.00 -10.36
C GLY B 149 18.59 -13.52 -9.24
N TYR B 150 17.54 -12.79 -9.64
CA TYR B 150 16.57 -12.28 -8.69
C TYR B 150 15.83 -13.43 -8.03
N LEU B 151 15.36 -13.21 -6.80
CA LEU B 151 14.56 -14.19 -6.07
C LEU B 151 13.10 -14.05 -6.41
N SER B 152 12.49 -15.13 -6.88
CA SER B 152 11.08 -15.06 -7.22
C SER B 152 10.16 -15.63 -6.15
N CYS B 153 10.60 -16.59 -5.35
CA CYS B 153 9.80 -17.10 -4.24
C CYS B 153 10.71 -17.63 -3.16
N CYS B 154 10.20 -17.68 -1.94
CA CYS B 154 10.89 -18.29 -0.81
C CYS B 154 9.85 -18.80 0.15
N ARG B 155 10.13 -19.95 0.77
CA ARG B 155 9.18 -20.59 1.66
C ARG B 155 9.93 -21.24 2.81
N PHE B 156 9.47 -21.02 4.04
CA PHE B 156 10.10 -21.63 5.20
C PHE B 156 9.70 -23.08 5.34
N LEU B 157 10.67 -23.92 5.74
CA LEU B 157 10.39 -25.29 6.11
C LEU B 157 10.28 -25.43 7.63
N ASP B 158 11.33 -25.06 8.34
CA ASP B 158 11.29 -24.91 9.79
C ASP B 158 11.63 -23.48 10.12
N ASP B 159 12.20 -23.24 11.29
CA ASP B 159 12.82 -21.96 11.55
C ASP B 159 14.27 -21.93 11.11
N ASN B 160 14.79 -23.06 10.61
CA ASN B 160 16.17 -23.15 10.19
C ASN B 160 16.35 -23.62 8.75
N GLN B 161 15.28 -23.88 8.02
CA GLN B 161 15.40 -24.33 6.64
C GLN B 161 14.45 -23.54 5.77
N ILE B 162 14.97 -22.93 4.71
CA ILE B 162 14.18 -22.15 3.77
C ILE B 162 14.61 -22.50 2.35
N VAL B 163 13.64 -22.77 1.49
CA VAL B 163 13.91 -23.08 0.09
C VAL B 163 13.58 -21.85 -0.74
N THR B 164 14.52 -21.45 -1.58
CA THR B 164 14.37 -20.29 -2.45
C THR B 164 14.37 -20.74 -3.88
N SER B 165 13.83 -19.90 -4.77
CA SER B 165 13.76 -20.20 -6.19
C SER B 165 14.05 -18.93 -6.94
N SER B 166 15.07 -18.94 -7.78
CA SER B 166 15.56 -17.71 -8.32
C SER B 166 15.40 -17.65 -9.82
N GLY B 167 15.85 -16.55 -10.38
CA GLY B 167 15.74 -16.32 -11.81
C GLY B 167 17.04 -16.62 -12.51
N ASP B 168 17.91 -17.38 -11.85
CA ASP B 168 19.05 -17.97 -12.53
C ASP B 168 18.87 -19.47 -12.72
N THR B 169 17.63 -19.89 -12.94
CA THR B 169 17.22 -21.27 -13.21
C THR B 169 17.63 -22.25 -12.11
N THR B 170 17.60 -21.80 -10.86
CA THR B 170 17.98 -22.66 -9.74
C THR B 170 17.05 -22.46 -8.57
N CYS B 171 16.70 -23.56 -7.90
CA CYS B 171 16.19 -23.49 -6.55
C CYS B 171 17.30 -23.89 -5.59
N ALA B 172 17.11 -23.62 -4.32
CA ALA B 172 18.13 -23.93 -3.34
C ALA B 172 17.47 -24.17 -2.00
N LEU B 173 18.03 -25.10 -1.24
CA LEU B 173 17.62 -25.34 0.14
C LEU B 173 18.74 -24.86 1.04
N TRP B 174 18.44 -23.95 1.94
CA TRP B 174 19.41 -23.26 2.75
C TRP B 174 19.36 -23.77 4.18
N ASP B 175 20.26 -23.22 4.99
CA ASP B 175 20.29 -23.48 6.43
C ASP B 175 20.59 -22.14 7.09
N ILE B 176 19.60 -21.60 7.81
CA ILE B 176 19.67 -20.23 8.25
C ILE B 176 20.67 -20.03 9.37
N GLU B 177 21.03 -21.09 10.09
CA GLU B 177 22.06 -20.95 11.12
C GLU B 177 23.44 -20.82 10.49
N THR B 178 23.79 -21.77 9.62
CA THR B 178 25.09 -21.74 8.96
C THR B 178 25.16 -20.60 7.96
N GLY B 179 24.19 -20.52 7.07
CA GLY B 179 24.09 -19.44 6.13
C GLY B 179 24.41 -19.79 4.70
N GLN B 180 24.31 -21.06 4.32
CA GLN B 180 24.76 -21.49 3.01
C GLN B 180 23.91 -22.64 2.53
N GLN B 181 23.93 -22.86 1.21
CA GLN B 181 23.03 -23.80 0.56
C GLN B 181 23.39 -25.23 0.90
N THR B 182 22.53 -25.92 1.63
CA THR B 182 22.76 -27.34 1.82
C THR B 182 22.38 -28.15 0.60
N THR B 183 21.51 -27.61 -0.25
CA THR B 183 21.16 -28.31 -1.49
C THR B 183 20.95 -27.27 -2.58
N THR B 184 21.31 -27.62 -3.81
CA THR B 184 21.02 -26.80 -4.97
C THR B 184 20.26 -27.64 -5.99
N PHE B 185 19.09 -27.16 -6.38
CA PHE B 185 18.19 -27.87 -7.29
C PHE B 185 18.33 -27.23 -8.65
N THR B 186 19.00 -27.93 -9.57
CA THR B 186 19.21 -27.47 -10.93
C THR B 186 18.45 -28.38 -11.89
N GLY B 187 18.08 -27.82 -13.04
CA GLY B 187 17.37 -28.61 -14.03
C GLY B 187 16.46 -27.79 -14.91
N HIS B 188 16.17 -26.58 -14.48
CA HIS B 188 15.33 -25.69 -15.27
C HIS B 188 16.16 -24.95 -16.30
N THR B 189 15.56 -24.67 -17.44
CA THR B 189 16.21 -23.92 -18.50
C THR B 189 15.78 -22.46 -18.54
N GLY B 190 14.70 -22.10 -17.86
CA GLY B 190 14.26 -20.72 -17.74
C GLY B 190 14.15 -20.33 -16.29
N ASP B 191 13.79 -19.06 -16.08
CA ASP B 191 13.78 -18.50 -14.75
C ASP B 191 12.65 -19.08 -13.92
N VAL B 192 12.99 -19.62 -12.75
CA VAL B 192 11.99 -20.17 -11.85
C VAL B 192 11.18 -19.04 -11.24
N MET B 193 9.87 -19.12 -11.35
CA MET B 193 9.03 -18.01 -10.92
C MET B 193 8.18 -18.31 -9.69
N SER B 194 8.07 -19.56 -9.27
CA SER B 194 7.21 -19.85 -8.14
C SER B 194 7.74 -21.08 -7.42
N LEU B 195 6.93 -21.58 -6.48
CA LEU B 195 7.32 -22.58 -5.49
C LEU B 195 6.11 -22.92 -4.66
N SER B 196 6.00 -24.16 -4.21
CA SER B 196 4.90 -24.53 -3.33
C SER B 196 5.35 -25.75 -2.55
N LEU B 197 5.50 -25.61 -1.24
CA LEU B 197 5.85 -26.76 -0.42
C LEU B 197 4.67 -27.71 -0.28
N ALA B 198 4.99 -28.98 -0.11
CA ALA B 198 3.97 -29.97 0.16
C ALA B 198 3.46 -29.78 1.58
N PRO B 199 2.28 -30.31 1.90
CA PRO B 199 1.83 -30.28 3.30
C PRO B 199 2.74 -31.03 4.26
N ASP B 200 3.24 -32.20 3.89
CA ASP B 200 4.19 -32.90 4.73
C ASP B 200 5.61 -32.37 4.58
N THR B 201 5.84 -31.45 3.65
CA THR B 201 7.12 -30.78 3.40
C THR B 201 8.24 -31.76 3.07
N ARG B 202 7.89 -32.83 2.37
CA ARG B 202 8.90 -33.75 1.83
C ARG B 202 9.27 -33.40 0.41
N LEU B 203 8.33 -32.83 -0.35
CA LEU B 203 8.48 -32.48 -1.74
C LEU B 203 8.09 -31.03 -1.94
N PHE B 204 8.40 -30.49 -3.11
CA PHE B 204 7.88 -29.20 -3.52
C PHE B 204 7.92 -29.12 -5.02
N VAL B 205 7.02 -28.33 -5.59
CA VAL B 205 6.98 -28.09 -7.01
C VAL B 205 7.60 -26.74 -7.28
N SER B 206 8.06 -26.54 -8.50
CA SER B 206 8.58 -25.23 -8.90
C SER B 206 8.25 -25.02 -10.36
N GLY B 207 7.54 -23.96 -10.67
CA GLY B 207 7.22 -23.58 -12.03
C GLY B 207 8.24 -22.56 -12.51
N ALA B 208 8.59 -22.64 -13.79
CA ALA B 208 9.65 -21.80 -14.32
C ALA B 208 9.20 -21.17 -15.62
N CYS B 209 10.08 -20.35 -16.19
CA CYS B 209 9.77 -19.63 -17.41
C CYS B 209 9.81 -20.50 -18.66
N ASP B 210 10.28 -21.74 -18.58
CA ASP B 210 10.29 -22.61 -19.74
C ASP B 210 9.05 -23.49 -19.82
N ALA B 211 7.94 -23.04 -19.23
CA ALA B 211 6.63 -23.68 -19.24
C ALA B 211 6.62 -25.07 -18.63
N SER B 212 7.63 -25.40 -17.82
CA SER B 212 7.73 -26.69 -17.17
C SER B 212 7.64 -26.50 -15.67
N ALA B 213 6.94 -27.40 -15.00
CA ALA B 213 6.87 -27.43 -13.55
C ALA B 213 7.53 -28.71 -13.08
N LYS B 214 8.53 -28.58 -12.24
CA LYS B 214 9.29 -29.75 -11.80
C LYS B 214 8.97 -30.06 -10.35
N LEU B 215 8.65 -31.31 -10.08
CA LEU B 215 8.50 -31.82 -8.73
C LEU B 215 9.86 -32.29 -8.23
N TRP B 216 10.31 -31.68 -7.15
CA TRP B 216 11.64 -31.91 -6.60
C TRP B 216 11.55 -32.84 -5.41
N ASP B 217 12.63 -32.91 -4.65
CA ASP B 217 12.68 -33.74 -3.46
C ASP B 217 13.64 -33.08 -2.49
N VAL B 218 13.14 -32.72 -1.32
CA VAL B 218 13.90 -31.89 -0.39
C VAL B 218 15.07 -32.66 0.20
N ARG B 219 14.87 -33.94 0.47
CA ARG B 219 15.91 -34.72 1.14
C ARG B 219 17.03 -35.12 0.21
N GLU B 220 16.71 -35.52 -1.02
CA GLU B 220 17.71 -35.84 -2.04
C GLU B 220 17.50 -34.89 -3.21
N GLY B 221 18.44 -33.99 -3.43
CA GLY B 221 18.23 -32.88 -4.34
C GLY B 221 18.13 -33.21 -5.82
N MET B 222 17.16 -34.02 -6.19
CA MET B 222 16.98 -34.47 -7.55
C MET B 222 15.56 -34.15 -8.01
N CYS B 223 15.44 -33.83 -9.29
CA CYS B 223 14.12 -33.58 -9.88
C CYS B 223 13.37 -34.89 -9.98
N ARG B 224 12.31 -35.03 -9.17
CA ARG B 224 11.56 -36.28 -9.16
C ARG B 224 10.74 -36.43 -10.43
N GLN B 225 9.91 -35.44 -10.74
CA GLN B 225 9.09 -35.52 -11.95
C GLN B 225 9.14 -34.18 -12.68
N THR B 226 8.72 -34.18 -13.93
CA THR B 226 8.69 -32.97 -14.73
C THR B 226 7.42 -32.94 -15.56
N PHE B 227 6.68 -31.85 -15.46
CA PHE B 227 5.39 -31.69 -16.12
C PHE B 227 5.47 -30.54 -17.11
N THR B 228 4.84 -30.73 -18.25
CA THR B 228 4.70 -29.68 -19.25
C THR B 228 3.26 -29.67 -19.73
N GLY B 229 2.87 -28.55 -20.32
CA GLY B 229 1.51 -28.43 -20.80
C GLY B 229 1.18 -27.00 -21.17
N HIS B 230 1.80 -26.05 -20.47
CA HIS B 230 1.57 -24.66 -20.79
C HIS B 230 2.33 -24.26 -22.03
N GLU B 231 1.91 -23.15 -22.63
CA GLU B 231 2.57 -22.62 -23.81
C GLU B 231 3.51 -21.47 -23.49
N SER B 232 3.35 -20.82 -22.35
CA SER B 232 4.17 -19.68 -22.00
C SER B 232 4.70 -19.84 -20.59
N ASP B 233 5.36 -18.80 -20.08
CA ASP B 233 6.06 -18.89 -18.80
C ASP B 233 5.10 -18.99 -17.64
N ILE B 234 5.41 -19.91 -16.72
CA ILE B 234 4.54 -20.18 -15.57
C ILE B 234 4.85 -19.18 -14.48
N ASN B 235 3.82 -18.46 -14.02
CA ASN B 235 3.99 -17.41 -13.02
C ASN B 235 3.61 -17.84 -11.61
N ALA B 236 2.75 -18.84 -11.46
CA ALA B 236 2.32 -19.19 -10.12
C ALA B 236 2.01 -20.67 -10.03
N ILE B 237 2.15 -21.21 -8.82
CA ILE B 237 1.99 -22.64 -8.58
C ILE B 237 1.43 -22.80 -7.18
N CYS B 238 0.67 -23.87 -6.96
CA CYS B 238 0.06 -24.09 -5.66
C CYS B 238 -0.27 -25.56 -5.50
N PHE B 239 0.00 -26.12 -4.33
CA PHE B 239 -0.33 -27.50 -4.05
C PHE B 239 -1.80 -27.67 -3.69
N PHE B 240 -2.38 -28.78 -4.13
CA PHE B 240 -3.67 -29.24 -3.63
C PHE B 240 -3.52 -29.59 -2.16
N PRO B 241 -4.60 -29.46 -1.36
CA PRO B 241 -4.49 -29.81 0.07
C PRO B 241 -4.18 -31.26 0.35
N ASN B 242 -4.42 -32.16 -0.60
CA ASN B 242 -4.05 -33.55 -0.42
C ASN B 242 -2.55 -33.74 -0.48
N GLY B 243 -1.86 -32.89 -1.22
CA GLY B 243 -0.45 -33.07 -1.48
C GLY B 243 -0.15 -33.98 -2.65
N ASN B 244 -1.17 -34.40 -3.38
CA ASN B 244 -1.01 -35.29 -4.53
C ASN B 244 -1.20 -34.58 -5.86
N ALA B 245 -1.69 -33.35 -5.87
CA ALA B 245 -1.91 -32.61 -7.10
C ALA B 245 -1.44 -31.19 -6.88
N PHE B 246 -1.37 -30.43 -7.97
CA PHE B 246 -1.00 -29.03 -7.89
C PHE B 246 -1.51 -28.32 -9.13
N ALA B 247 -1.78 -27.02 -8.99
CA ALA B 247 -2.30 -26.20 -10.06
C ALA B 247 -1.31 -25.09 -10.37
N THR B 248 -1.14 -24.81 -11.65
CA THR B 248 -0.28 -23.75 -12.13
C THR B 248 -1.08 -22.68 -12.82
N GLY B 249 -0.45 -21.53 -12.98
CA GLY B 249 -0.99 -20.41 -13.70
C GLY B 249 0.10 -19.70 -14.45
N SER B 250 -0.07 -19.52 -15.75
CA SER B 250 0.96 -19.01 -16.63
C SER B 250 0.45 -17.77 -17.35
N ASP B 251 1.24 -17.29 -18.30
CA ASP B 251 0.91 -16.06 -18.99
C ASP B 251 -0.03 -16.26 -20.16
N ASP B 252 -0.42 -17.49 -20.46
CA ASP B 252 -1.35 -17.75 -21.55
C ASP B 252 -2.79 -17.88 -21.07
N ALA B 253 -3.14 -17.18 -19.98
CA ALA B 253 -4.48 -17.06 -19.43
C ALA B 253 -5.09 -18.39 -19.02
N THR B 254 -4.27 -19.39 -18.76
CA THR B 254 -4.74 -20.74 -18.51
C THR B 254 -4.18 -21.21 -17.17
N CYS B 255 -5.06 -21.70 -16.31
CA CYS B 255 -4.62 -22.46 -15.14
C CYS B 255 -4.70 -23.94 -15.47
N ARG B 256 -3.90 -24.74 -14.79
CA ARG B 256 -3.80 -26.14 -15.15
C ARG B 256 -3.62 -26.98 -13.89
N LEU B 257 -4.49 -27.96 -13.70
CA LEU B 257 -4.39 -28.90 -12.59
C LEU B 257 -3.71 -30.15 -13.11
N PHE B 258 -2.51 -30.40 -12.60
CA PHE B 258 -1.71 -31.58 -12.89
C PHE B 258 -1.99 -32.65 -11.84
N ASP B 259 -1.10 -33.63 -11.73
CA ASP B 259 -1.20 -34.69 -10.74
C ASP B 259 0.17 -35.31 -10.57
N LEU B 260 0.50 -35.71 -9.34
CA LEU B 260 1.81 -36.27 -9.07
C LEU B 260 1.85 -37.78 -9.28
N ARG B 261 0.82 -38.49 -8.83
CA ARG B 261 0.83 -39.94 -8.94
C ARG B 261 0.56 -40.42 -10.35
N ALA B 262 -0.02 -39.58 -11.20
CA ALA B 262 -0.33 -39.94 -12.57
C ALA B 262 0.57 -39.27 -13.58
N ASP B 263 1.39 -38.30 -13.16
CA ASP B 263 2.43 -37.65 -13.97
C ASP B 263 1.85 -36.98 -15.23
N GLN B 264 0.72 -36.31 -15.07
CA GLN B 264 -0.01 -35.82 -16.23
C GLN B 264 -0.91 -34.68 -15.77
N GLU B 265 -1.28 -33.82 -16.72
CA GLU B 265 -2.28 -32.82 -16.40
C GLU B 265 -3.65 -33.47 -16.31
N LEU B 266 -4.54 -32.85 -15.56
CA LEU B 266 -5.87 -33.38 -15.39
C LEU B 266 -6.95 -32.44 -15.87
N MET B 267 -6.80 -31.14 -15.65
CA MET B 267 -7.88 -30.25 -16.04
C MET B 267 -7.32 -28.89 -16.41
N THR B 268 -7.97 -28.24 -17.38
CA THR B 268 -7.58 -26.93 -17.85
C THR B 268 -8.65 -25.92 -17.47
N TYR B 269 -8.25 -24.91 -16.71
CA TYR B 269 -9.15 -23.83 -16.29
C TYR B 269 -8.92 -22.66 -17.23
N SER B 270 -9.83 -22.50 -18.17
CA SER B 270 -9.69 -21.54 -19.25
C SER B 270 -11.05 -20.98 -19.59
N HIS B 271 -11.03 -19.80 -20.21
CA HIS B 271 -12.23 -19.11 -20.64
C HIS B 271 -11.83 -18.13 -21.73
N ASP B 272 -12.61 -18.09 -22.81
CA ASP B 272 -12.22 -17.32 -23.99
C ASP B 272 -12.28 -15.81 -23.76
N ASN B 273 -13.00 -15.37 -22.73
CA ASN B 273 -13.07 -13.96 -22.40
C ASN B 273 -11.87 -13.47 -21.60
N ILE B 274 -10.90 -14.34 -21.30
CA ILE B 274 -9.72 -13.99 -20.52
C ILE B 274 -8.50 -14.11 -21.43
N ILE B 275 -7.80 -13.00 -21.62
CA ILE B 275 -6.67 -12.95 -22.54
C ILE B 275 -5.43 -12.41 -21.84
N CYS B 276 -5.37 -12.53 -20.52
CA CYS B 276 -4.28 -12.00 -19.74
C CYS B 276 -3.79 -13.06 -18.77
N GLY B 277 -2.51 -12.98 -18.43
CA GLY B 277 -1.89 -14.04 -17.65
C GLY B 277 -2.31 -14.05 -16.19
N ILE B 278 -1.92 -15.11 -15.50
CA ILE B 278 -2.25 -15.31 -14.10
C ILE B 278 -1.05 -14.91 -13.27
N THR B 279 -1.27 -14.07 -12.28
CA THR B 279 -0.19 -13.67 -11.40
C THR B 279 -0.08 -14.51 -10.14
N SER B 280 -1.19 -15.05 -9.62
CA SER B 280 -1.11 -15.81 -8.39
C SER B 280 -2.24 -16.82 -8.34
N VAL B 281 -2.00 -17.93 -7.64
CA VAL B 281 -2.92 -19.07 -7.59
C VAL B 281 -2.97 -19.58 -6.16
N SER B 282 -4.18 -19.87 -5.66
CA SER B 282 -4.30 -20.58 -4.39
C SER B 282 -5.57 -21.44 -4.41
N PHE B 283 -5.60 -22.43 -3.52
CA PHE B 283 -6.72 -23.33 -3.36
C PHE B 283 -7.53 -23.00 -2.11
N SER B 284 -8.78 -23.45 -2.10
CA SER B 284 -9.57 -23.45 -0.88
C SER B 284 -9.09 -24.57 0.04
N LYS B 285 -9.62 -24.58 1.26
CA LYS B 285 -9.12 -25.51 2.28
C LYS B 285 -9.49 -26.95 1.96
N SER B 286 -10.71 -27.18 1.50
CA SER B 286 -11.11 -28.51 1.09
C SER B 286 -10.68 -28.85 -0.32
N GLY B 287 -10.06 -27.91 -1.04
CA GLY B 287 -9.67 -28.17 -2.41
C GLY B 287 -10.80 -28.13 -3.40
N ARG B 288 -11.96 -27.59 -3.03
CA ARG B 288 -13.07 -27.52 -3.97
C ARG B 288 -12.95 -26.29 -4.86
N LEU B 289 -12.54 -25.16 -4.33
CA LEU B 289 -12.38 -23.97 -5.14
C LEU B 289 -10.91 -23.79 -5.50
N LEU B 290 -10.68 -23.16 -6.65
CA LEU B 290 -9.36 -22.74 -7.08
C LEU B 290 -9.42 -21.25 -7.32
N LEU B 291 -8.69 -20.50 -6.51
CA LEU B 291 -8.62 -19.06 -6.61
C LEU B 291 -7.47 -18.71 -7.53
N ALA B 292 -7.64 -17.67 -8.36
CA ALA B 292 -6.60 -17.32 -9.31
C ALA B 292 -6.62 -15.83 -9.55
N GLY B 293 -5.52 -15.14 -9.30
CA GLY B 293 -5.44 -13.71 -9.53
C GLY B 293 -4.94 -13.42 -10.94
N TYR B 294 -5.59 -12.48 -11.59
CA TYR B 294 -5.34 -12.25 -13.01
C TYR B 294 -4.72 -10.88 -13.23
N ASP B 295 -4.43 -10.59 -14.49
CA ASP B 295 -3.90 -9.31 -14.89
C ASP B 295 -4.98 -8.30 -15.25
N ASP B 296 -6.19 -8.75 -15.58
CA ASP B 296 -7.28 -7.82 -15.87
C ASP B 296 -8.00 -7.36 -14.62
N PHE B 297 -7.24 -7.14 -13.55
CA PHE B 297 -7.50 -6.37 -12.35
C PHE B 297 -8.40 -7.10 -11.37
N ASN B 298 -8.77 -8.36 -11.62
CA ASN B 298 -9.70 -9.02 -10.71
C ASN B 298 -9.36 -10.49 -10.61
N CYS B 299 -9.72 -11.07 -9.47
CA CYS B 299 -9.46 -12.48 -9.20
C CYS B 299 -10.67 -13.32 -9.57
N ASN B 300 -10.41 -14.57 -9.92
CA ASN B 300 -11.44 -15.51 -10.34
C ASN B 300 -11.49 -16.70 -9.39
N VAL B 301 -12.66 -17.31 -9.29
CA VAL B 301 -12.90 -18.45 -8.42
C VAL B 301 -13.49 -19.55 -9.28
N TRP B 302 -12.75 -20.65 -9.44
CA TRP B 302 -13.12 -21.77 -10.28
C TRP B 302 -13.55 -22.94 -9.42
N ASP B 303 -14.53 -23.70 -9.88
CA ASP B 303 -14.79 -25.00 -9.29
C ASP B 303 -13.71 -25.96 -9.77
N ALA B 304 -12.84 -26.38 -8.87
CA ALA B 304 -11.64 -27.12 -9.23
C ALA B 304 -11.91 -28.51 -9.76
N LEU B 305 -13.12 -29.04 -9.59
CA LEU B 305 -13.45 -30.34 -10.16
C LEU B 305 -14.18 -30.26 -11.48
N LYS B 306 -14.92 -29.18 -11.72
CA LYS B 306 -15.74 -29.06 -12.92
C LYS B 306 -15.26 -27.99 -13.90
N ALA B 307 -14.39 -27.08 -13.46
CA ALA B 307 -13.77 -26.03 -14.26
C ALA B 307 -14.79 -25.09 -14.87
N ASP B 308 -15.33 -24.19 -14.05
CA ASP B 308 -16.14 -23.08 -14.52
C ASP B 308 -16.00 -21.93 -13.54
N ARG B 309 -16.19 -20.71 -14.04
CA ARG B 309 -16.05 -19.53 -13.20
C ARG B 309 -17.21 -19.44 -12.23
N ALA B 310 -17.08 -20.09 -11.08
CA ALA B 310 -18.12 -20.04 -10.06
C ALA B 310 -18.15 -18.72 -9.31
N GLY B 311 -17.14 -17.88 -9.43
CA GLY B 311 -17.21 -16.59 -8.79
C GLY B 311 -16.15 -15.64 -9.31
N VAL B 312 -16.35 -14.37 -9.01
CA VAL B 312 -15.42 -13.31 -9.40
C VAL B 312 -15.25 -12.39 -8.20
N LEU B 313 -14.00 -12.16 -7.80
CA LEU B 313 -13.68 -11.20 -6.76
C LEU B 313 -13.14 -9.97 -7.46
N ALA B 314 -13.94 -8.92 -7.50
CA ALA B 314 -13.59 -7.71 -8.24
C ALA B 314 -13.65 -6.51 -7.31
N GLY B 315 -12.49 -6.00 -6.93
CA GLY B 315 -12.44 -4.85 -6.06
C GLY B 315 -11.16 -4.08 -6.18
N HIS B 316 -10.27 -4.53 -7.05
CA HIS B 316 -8.97 -3.91 -7.20
C HIS B 316 -8.93 -3.05 -8.44
N ASP B 317 -8.15 -1.98 -8.38
CA ASP B 317 -8.03 -1.03 -9.46
C ASP B 317 -6.78 -1.23 -10.29
N ASN B 318 -5.88 -2.10 -9.87
CA ASN B 318 -4.69 -2.41 -10.66
C ASN B 318 -4.52 -3.92 -10.64
N ARG B 319 -3.34 -4.38 -11.03
CA ARG B 319 -3.11 -5.81 -11.25
C ARG B 319 -3.04 -6.56 -9.92
N VAL B 320 -3.83 -7.62 -9.80
CA VAL B 320 -3.81 -8.44 -8.58
C VAL B 320 -2.54 -9.25 -8.59
N SER B 321 -1.63 -8.98 -7.66
CA SER B 321 -0.33 -9.61 -7.71
C SER B 321 -0.17 -10.77 -6.74
N CYS B 322 -0.74 -10.69 -5.54
CA CYS B 322 -0.54 -11.76 -4.57
C CYS B 322 -1.85 -12.18 -3.95
N LEU B 323 -1.95 -13.45 -3.57
CA LEU B 323 -3.21 -14.03 -3.18
C LEU B 323 -2.96 -15.19 -2.22
N GLY B 324 -3.74 -15.26 -1.15
CA GLY B 324 -3.57 -16.34 -0.19
C GLY B 324 -4.78 -16.67 0.63
N VAL B 325 -5.12 -17.93 0.71
CA VAL B 325 -6.20 -18.43 1.56
C VAL B 325 -5.59 -18.87 2.87
N THR B 326 -6.34 -18.70 3.97
CA THR B 326 -5.81 -18.96 5.29
C THR B 326 -5.66 -20.45 5.55
N ASP B 327 -5.06 -20.79 6.68
CA ASP B 327 -4.85 -22.18 7.01
C ASP B 327 -6.09 -22.85 7.60
N ASP B 328 -7.03 -22.07 8.12
CA ASP B 328 -8.33 -22.61 8.50
C ASP B 328 -9.37 -22.41 7.41
N GLY B 329 -8.96 -21.86 6.27
CA GLY B 329 -9.87 -21.67 5.16
C GLY B 329 -10.88 -20.58 5.34
N MET B 330 -10.64 -19.66 6.27
CA MET B 330 -11.67 -18.70 6.63
C MET B 330 -11.80 -17.57 5.61
N ALA B 331 -10.69 -17.01 5.18
CA ALA B 331 -10.73 -15.81 4.34
C ALA B 331 -9.74 -15.95 3.19
N VAL B 332 -9.74 -14.95 2.31
CA VAL B 332 -8.81 -14.87 1.19
C VAL B 332 -8.25 -13.46 1.15
N ALA B 333 -6.96 -13.32 1.28
CA ALA B 333 -6.37 -12.00 1.17
C ALA B 333 -5.81 -11.84 -0.23
N THR B 334 -6.27 -10.82 -0.95
CA THR B 334 -5.72 -10.48 -2.24
C THR B 334 -5.09 -9.11 -2.14
N GLY B 335 -3.80 -9.04 -2.43
CA GLY B 335 -3.08 -7.78 -2.46
C GLY B 335 -2.74 -7.45 -3.89
N SER B 336 -2.78 -6.17 -4.23
CA SER B 336 -2.66 -5.80 -5.62
C SER B 336 -1.73 -4.62 -5.81
N TRP B 337 -1.60 -4.19 -7.06
CA TRP B 337 -0.66 -3.16 -7.45
C TRP B 337 -1.16 -1.75 -7.14
N ASP B 338 -2.39 -1.60 -6.66
CA ASP B 338 -2.86 -0.30 -6.16
C ASP B 338 -2.61 -0.15 -4.68
N SER B 339 -1.69 -0.94 -4.13
CA SER B 339 -1.21 -0.88 -2.75
C SER B 339 -2.30 -1.20 -1.73
N PHE B 340 -3.28 -2.00 -2.10
CA PHE B 340 -4.32 -2.40 -1.16
C PHE B 340 -4.39 -3.91 -1.08
N LEU B 341 -4.63 -4.40 0.13
CA LEU B 341 -4.99 -5.78 0.38
C LEU B 341 -6.43 -5.82 0.83
N LYS B 342 -7.13 -6.86 0.43
CA LYS B 342 -8.54 -7.01 0.74
C LYS B 342 -8.79 -8.41 1.25
N ILE B 343 -9.47 -8.51 2.38
CA ILE B 343 -9.74 -9.78 3.03
C ILE B 343 -11.17 -10.15 2.67
N TRP B 344 -11.33 -11.03 1.71
CA TRP B 344 -12.63 -11.47 1.24
C TRP B 344 -13.08 -12.67 2.06
N ASN B 345 -14.39 -12.83 2.17
CA ASN B 345 -14.95 -13.90 2.98
C ASN B 345 -16.38 -14.21 2.56
N ILE C 8 28.76 -32.14 -25.08
CA ILE C 8 29.86 -32.23 -24.12
C ILE C 8 29.51 -33.25 -23.04
N ALA C 9 28.93 -32.76 -21.95
CA ALA C 9 28.46 -33.61 -20.88
C ALA C 9 27.07 -33.26 -20.38
N GLN C 10 26.47 -32.16 -20.88
CA GLN C 10 25.13 -31.80 -20.44
C GLN C 10 24.07 -32.74 -21.01
N ALA C 11 24.30 -33.27 -22.22
CA ALA C 11 23.34 -34.17 -22.83
C ALA C 11 23.31 -35.52 -22.12
N ARG C 12 24.45 -35.97 -21.58
CA ARG C 12 24.46 -37.21 -20.81
C ARG C 12 23.66 -37.06 -19.53
N LYS C 13 23.77 -35.92 -18.85
CA LYS C 13 22.96 -35.67 -17.67
C LYS C 13 21.48 -35.51 -18.01
N LEU C 14 21.17 -34.93 -19.18
CA LEU C 14 19.79 -34.80 -19.60
C LEU C 14 19.14 -36.15 -19.87
N VAL C 15 19.85 -37.04 -20.58
CA VAL C 15 19.27 -38.36 -20.86
C VAL C 15 19.27 -39.23 -19.61
N GLU C 16 20.20 -39.00 -18.66
CA GLU C 16 20.16 -39.72 -17.40
C GLU C 16 18.97 -39.28 -16.56
N GLN C 17 18.67 -37.98 -16.56
CA GLN C 17 17.48 -37.49 -15.87
C GLN C 17 16.19 -37.98 -16.52
N LEU C 18 16.18 -38.04 -17.85
CA LEU C 18 15.01 -38.57 -18.55
C LEU C 18 14.80 -40.04 -18.24
N LYS C 19 15.89 -40.80 -18.10
CA LYS C 19 15.76 -42.21 -17.73
C LYS C 19 15.37 -42.38 -16.27
N MET C 20 15.80 -41.46 -15.40
CA MET C 20 15.39 -41.52 -14.01
C MET C 20 13.93 -41.16 -13.83
N GLU C 21 13.41 -40.28 -14.69
CA GLU C 21 11.98 -39.96 -14.65
C GLU C 21 11.14 -41.05 -15.29
N ALA C 22 11.69 -41.73 -16.33
CA ALA C 22 10.88 -42.61 -17.16
C ALA C 22 10.45 -43.88 -16.44
N ASN C 23 11.24 -44.36 -15.50
CA ASN C 23 10.95 -45.63 -14.83
C ASN C 23 10.37 -45.37 -13.45
N ILE C 24 9.11 -44.94 -13.42
CA ILE C 24 8.35 -44.77 -12.20
C ILE C 24 6.98 -45.42 -12.39
N ASP C 25 6.19 -45.41 -11.32
CA ASP C 25 4.84 -45.94 -11.35
C ASP C 25 3.84 -44.82 -11.60
N ARG C 26 2.88 -45.07 -12.49
CA ARG C 26 1.88 -44.10 -12.88
C ARG C 26 0.51 -44.75 -12.75
N ILE C 27 -0.23 -44.37 -11.71
CA ILE C 27 -1.57 -44.89 -11.50
C ILE C 27 -2.54 -44.28 -12.51
N LYS C 28 -3.72 -44.86 -12.63
CA LYS C 28 -4.67 -44.47 -13.66
C LYS C 28 -5.34 -43.14 -13.31
N VAL C 29 -5.75 -42.42 -14.35
CA VAL C 29 -6.34 -41.09 -14.19
C VAL C 29 -7.70 -41.18 -13.52
N SER C 30 -8.42 -42.29 -13.72
CA SER C 30 -9.68 -42.50 -13.04
C SER C 30 -9.50 -42.64 -11.53
N LYS C 31 -8.42 -43.29 -11.10
CA LYS C 31 -8.15 -43.43 -9.67
C LYS C 31 -7.77 -42.11 -9.04
N ALA C 32 -6.95 -41.30 -9.73
CA ALA C 32 -6.55 -40.00 -9.21
C ALA C 32 -7.74 -39.03 -9.19
N ALA C 33 -8.61 -39.12 -10.18
CA ALA C 33 -9.81 -38.30 -10.21
C ALA C 33 -10.77 -38.69 -9.09
N ALA C 34 -10.92 -39.99 -8.83
CA ALA C 34 -11.77 -40.42 -7.73
C ALA C 34 -11.18 -40.04 -6.38
N ASP C 35 -9.85 -40.00 -6.27
CA ASP C 35 -9.23 -39.58 -5.02
C ASP C 35 -9.41 -38.10 -4.77
N LEU C 36 -9.30 -37.28 -5.83
CA LEU C 36 -9.57 -35.85 -5.68
C LEU C 36 -11.03 -35.59 -5.33
N MET C 37 -11.95 -36.33 -5.95
CA MET C 37 -13.36 -36.19 -5.63
C MET C 37 -13.65 -36.62 -4.20
N ALA C 38 -13.01 -37.69 -3.72
CA ALA C 38 -13.23 -38.17 -2.36
C ALA C 38 -12.67 -37.21 -1.34
N TYR C 39 -11.52 -36.59 -1.62
CA TYR C 39 -10.98 -35.60 -0.68
C TYR C 39 -11.82 -34.34 -0.67
N CYS C 40 -12.35 -33.93 -1.82
CA CYS C 40 -13.16 -32.71 -1.83
C CYS C 40 -14.51 -32.94 -1.18
N GLU C 41 -15.11 -34.10 -1.38
CA GLU C 41 -16.42 -34.34 -0.78
C GLU C 41 -16.31 -34.81 0.66
N ALA C 42 -15.13 -35.21 1.14
CA ALA C 42 -15.00 -35.63 2.52
C ALA C 42 -14.75 -34.47 3.47
N HIS C 43 -14.27 -33.34 2.97
CA HIS C 43 -13.97 -32.18 3.80
C HIS C 43 -14.78 -30.96 3.42
N ALA C 44 -15.90 -31.15 2.70
CA ALA C 44 -16.72 -30.04 2.30
C ALA C 44 -17.52 -29.45 3.46
N LYS C 45 -17.67 -30.19 4.56
CA LYS C 45 -18.36 -29.67 5.72
C LYS C 45 -17.51 -28.66 6.47
N GLU C 46 -16.19 -28.80 6.43
CA GLU C 46 -15.27 -27.92 7.14
C GLU C 46 -14.63 -26.88 6.23
N ASP C 47 -15.35 -26.43 5.20
CA ASP C 47 -14.85 -25.42 4.28
C ASP C 47 -15.61 -24.12 4.51
N PRO C 48 -14.97 -23.09 5.08
CA PRO C 48 -15.70 -21.85 5.38
C PRO C 48 -16.05 -21.02 4.15
N LEU C 49 -15.23 -21.03 3.11
CA LEU C 49 -15.52 -20.20 1.94
C LEU C 49 -16.50 -20.88 1.00
N LEU C 50 -16.54 -22.20 1.00
CA LEU C 50 -17.46 -22.94 0.16
C LEU C 50 -18.88 -22.76 0.65
N THR C 51 -19.18 -23.33 1.81
CA THR C 51 -20.47 -23.16 2.46
C THR C 51 -20.37 -21.98 3.42
N PRO C 52 -21.07 -20.88 3.18
CA PRO C 52 -20.94 -19.68 4.04
C PRO C 52 -21.49 -19.93 5.43
N VAL C 53 -20.64 -19.74 6.43
CA VAL C 53 -20.96 -19.88 7.85
C VAL C 53 -21.80 -18.68 8.29
N PRO C 54 -22.55 -18.77 9.39
CA PRO C 54 -23.28 -17.59 9.87
C PRO C 54 -22.34 -16.51 10.41
N ALA C 55 -22.94 -15.34 10.68
CA ALA C 55 -22.18 -14.17 11.04
C ALA C 55 -21.58 -14.24 12.44
N SER C 56 -22.12 -15.07 13.32
CA SER C 56 -21.53 -15.23 14.64
C SER C 56 -20.30 -16.12 14.60
N GLU C 57 -20.27 -17.09 13.69
CA GLU C 57 -19.09 -17.92 13.50
C GLU C 57 -18.00 -17.18 12.75
N ASN C 58 -18.37 -16.16 12.00
CA ASN C 58 -17.45 -15.46 11.10
C ASN C 58 -16.66 -14.43 11.88
N PRO C 59 -15.33 -14.52 11.94
CA PRO C 59 -14.54 -13.49 12.62
C PRO C 59 -14.39 -12.21 11.83
N PHE C 60 -14.76 -12.22 10.55
CA PHE C 60 -14.69 -11.03 9.72
C PHE C 60 -16.08 -10.48 9.47
N ASP D 1 22.41 -6.21 26.90
CA ASP D 1 21.34 -6.79 27.70
C ASP D 1 20.38 -5.70 28.18
N VAL D 2 19.15 -6.09 28.46
CA VAL D 2 18.11 -5.13 28.84
C VAL D 2 18.35 -4.66 30.26
N GLN D 3 18.34 -3.34 30.46
CA GLN D 3 18.58 -2.76 31.76
C GLN D 3 17.67 -1.57 31.95
N LEU D 4 17.00 -1.51 33.10
CA LEU D 4 16.20 -0.36 33.50
C LEU D 4 16.69 0.06 34.88
N VAL D 5 17.49 1.11 34.95
CA VAL D 5 18.13 1.51 36.20
C VAL D 5 17.49 2.81 36.68
N GLU D 6 16.86 2.76 37.84
CA GLU D 6 16.20 3.94 38.38
C GLU D 6 17.15 4.74 39.25
N SER D 7 16.83 6.02 39.42
CA SER D 7 17.63 6.93 40.21
C SER D 7 16.73 7.98 40.80
N GLY D 8 17.23 8.64 41.84
CA GLY D 8 16.41 9.53 42.65
C GLY D 8 15.72 8.78 43.76
N GLY D 9 15.57 9.45 44.89
CA GLY D 9 14.95 8.86 46.05
C GLY D 9 15.75 9.16 47.29
N GLY D 10 15.40 8.47 48.38
CA GLY D 10 16.06 8.72 49.64
C GLY D 10 15.14 9.37 50.64
N LEU D 11 15.71 10.16 51.55
CA LEU D 11 14.92 10.83 52.58
C LEU D 11 14.36 12.13 52.03
N VAL D 12 13.05 12.30 52.13
CA VAL D 12 12.39 13.50 51.64
C VAL D 12 11.48 14.05 52.74
N GLN D 13 11.49 15.37 52.90
CA GLN D 13 10.60 16.01 53.86
C GLN D 13 9.16 15.94 53.35
N PRO D 14 8.18 15.81 54.25
CA PRO D 14 6.78 15.73 53.81
C PRO D 14 6.31 17.08 53.28
N GLY D 15 5.63 17.05 52.14
CA GLY D 15 5.23 18.25 51.46
C GLY D 15 6.18 18.72 50.37
N GLY D 16 7.42 18.21 50.37
CA GLY D 16 8.37 18.56 49.35
C GLY D 16 8.10 17.86 48.03
N SER D 17 8.99 18.11 47.07
CA SER D 17 8.86 17.55 45.74
C SER D 17 10.12 16.78 45.38
N ARG D 18 9.94 15.73 44.57
CA ARG D 18 11.07 14.94 44.09
C ARG D 18 10.80 14.54 42.65
N LYS D 19 11.75 13.84 42.05
CA LYS D 19 11.61 13.34 40.69
C LYS D 19 12.49 12.11 40.53
N LEU D 20 11.88 10.99 40.21
CA LEU D 20 12.62 9.78 39.91
C LEU D 20 12.87 9.70 38.42
N SER D 21 13.98 9.06 38.06
CA SER D 21 14.30 8.82 36.67
C SER D 21 14.56 7.33 36.48
N CYS D 22 14.46 6.88 35.24
CA CYS D 22 14.60 5.48 34.89
C CYS D 22 15.36 5.41 33.58
N SER D 23 16.68 5.29 33.66
CA SER D 23 17.52 5.19 32.48
C SER D 23 17.35 3.81 31.87
N ALA D 24 16.94 3.77 30.61
CA ALA D 24 16.71 2.53 29.90
C ALA D 24 17.85 2.29 28.93
N SER D 25 18.56 1.18 29.10
CA SER D 25 19.73 0.88 28.28
C SER D 25 19.68 -0.57 27.87
N GLY D 26 19.61 -0.81 26.56
CA GLY D 26 19.63 -2.17 26.04
C GLY D 26 18.42 -2.56 25.23
N PHE D 27 17.46 -1.66 24.99
CA PHE D 27 16.29 -2.01 24.21
C PHE D 27 15.78 -0.76 23.51
N ALA D 28 14.93 -0.97 22.52
CA ALA D 28 14.37 0.11 21.71
C ALA D 28 13.29 0.81 22.52
N PHE D 29 13.71 1.83 23.28
CA PHE D 29 12.85 2.42 24.30
C PHE D 29 11.66 3.15 23.73
N SER D 30 11.78 3.69 22.52
CA SER D 30 10.73 4.52 21.96
C SER D 30 9.49 3.75 21.56
N SER D 31 9.55 2.41 21.52
CA SER D 31 8.41 1.60 21.13
C SER D 31 7.64 1.05 22.33
N PHE D 32 8.14 1.23 23.54
CA PHE D 32 7.58 0.60 24.72
C PHE D 32 6.77 1.58 25.54
N GLY D 33 5.56 1.19 25.90
CA GLY D 33 4.88 1.87 26.98
C GLY D 33 5.60 1.65 28.29
N MET D 34 5.53 2.62 29.18
CA MET D 34 6.25 2.55 30.43
C MET D 34 5.28 2.72 31.60
N HIS D 35 5.51 1.96 32.65
CA HIS D 35 4.70 2.00 33.85
C HIS D 35 5.59 2.32 35.05
N TRP D 36 5.01 3.03 36.01
CA TRP D 36 5.58 3.16 37.34
C TRP D 36 4.68 2.40 38.29
N VAL D 37 5.26 1.47 39.05
CA VAL D 37 4.53 0.59 39.96
C VAL D 37 5.13 0.72 41.34
N ARG D 38 4.30 0.93 42.35
CA ARG D 38 4.74 1.17 43.72
C ARG D 38 4.70 -0.13 44.51
N GLN D 39 5.50 -0.19 45.58
CA GLN D 39 5.38 -1.28 46.54
C GLN D 39 5.71 -0.80 47.93
N ALA D 40 4.73 -0.85 48.83
CA ALA D 40 4.92 -0.46 50.21
C ALA D 40 5.91 -1.38 50.91
N PRO D 41 6.63 -0.90 51.93
CA PRO D 41 7.64 -1.73 52.59
C PRO D 41 7.10 -2.89 53.43
N GLU D 42 5.79 -3.03 53.59
CA GLU D 42 5.26 -4.23 54.21
C GLU D 42 4.15 -4.87 53.38
N LYS D 43 3.45 -4.05 52.59
CA LYS D 43 2.33 -4.58 51.81
C LYS D 43 2.78 -5.09 50.46
N GLY D 44 1.90 -4.98 49.46
CA GLY D 44 2.19 -5.51 48.13
C GLY D 44 2.40 -4.43 47.09
N LEU D 45 2.03 -4.74 45.84
CA LEU D 45 2.24 -3.83 44.73
C LEU D 45 0.98 -3.01 44.46
N GLU D 46 1.17 -1.79 43.97
CA GLU D 46 0.07 -0.99 43.49
C GLU D 46 0.56 -0.11 42.34
N TRP D 47 -0.32 0.11 41.38
CA TRP D 47 0.04 0.78 40.15
C TRP D 47 0.00 2.29 40.35
N VAL D 48 1.01 2.98 39.83
CA VAL D 48 1.08 4.43 39.97
C VAL D 48 0.72 5.11 38.65
N ALA D 49 1.45 4.83 37.58
CA ALA D 49 1.24 5.63 36.38
C ALA D 49 1.62 4.83 35.14
N TYR D 50 1.18 5.34 33.99
CA TYR D 50 1.49 4.69 32.71
C TYR D 50 1.55 5.74 31.63
N ILE D 51 2.69 5.85 30.96
CA ILE D 51 2.81 6.68 29.77
C ILE D 51 2.95 5.75 28.58
N SER D 52 2.45 6.18 27.43
CA SER D 52 2.36 5.32 26.27
C SER D 52 3.56 5.53 25.35
N SER D 53 3.57 4.79 24.26
CA SER D 53 4.64 4.88 23.27
C SER D 53 4.42 6.13 22.42
N GLY D 54 5.32 7.08 22.51
CA GLY D 54 5.12 8.35 21.88
C GLY D 54 4.35 9.34 22.71
N SER D 55 4.19 9.08 24.01
CA SER D 55 3.62 9.99 25.01
C SER D 55 2.18 10.40 24.69
N GLY D 56 1.45 9.58 23.95
CA GLY D 56 0.13 9.96 23.52
C GLY D 56 -0.93 9.82 24.60
N THR D 57 -0.84 8.76 25.39
CA THR D 57 -1.85 8.41 26.37
C THR D 57 -1.20 8.29 27.73
N ILE D 58 -1.66 9.07 28.69
CA ILE D 58 -1.10 9.11 30.03
C ILE D 58 -2.21 8.81 31.02
N TYR D 59 -1.96 7.86 31.92
CA TYR D 59 -2.92 7.49 32.95
C TYR D 59 -2.24 7.53 34.30
N TYR D 60 -2.98 7.95 35.32
CA TYR D 60 -2.51 7.92 36.70
C TYR D 60 -3.49 7.16 37.56
N ALA D 61 -3.02 6.71 38.71
CA ALA D 61 -3.92 6.10 39.67
C ALA D 61 -4.76 7.17 40.33
N ASP D 62 -5.89 6.76 40.89
CA ASP D 62 -6.81 7.72 41.47
C ASP D 62 -6.28 8.29 42.78
N THR D 63 -5.38 7.58 43.45
CA THR D 63 -4.82 8.02 44.72
C THR D 63 -3.53 8.80 44.54
N VAL D 64 -3.22 9.26 43.33
CA VAL D 64 -1.92 9.85 43.08
C VAL D 64 -2.06 10.93 42.02
N LYS D 65 -3.27 11.07 41.48
CA LYS D 65 -3.53 11.97 40.37
C LYS D 65 -3.38 13.43 40.78
N GLY D 66 -2.93 14.25 39.84
CA GLY D 66 -2.85 15.68 40.06
C GLY D 66 -1.49 16.17 40.53
N ARG D 67 -0.88 15.45 41.46
CA ARG D 67 0.39 15.84 42.04
C ARG D 67 1.57 15.04 41.51
N PHE D 68 1.34 14.12 40.58
CA PHE D 68 2.39 13.34 39.94
C PHE D 68 2.34 13.60 38.43
N THR D 69 3.50 13.62 37.79
CA THR D 69 3.58 13.74 36.33
C THR D 69 4.57 12.71 35.81
N ILE D 70 4.14 11.87 34.89
CA ILE D 70 5.02 10.90 34.25
C ILE D 70 5.39 11.45 32.87
N SER D 71 6.67 11.38 32.53
CA SER D 71 7.16 11.92 31.27
C SER D 71 8.31 11.05 30.80
N ARG D 72 8.70 11.24 29.54
CA ARG D 72 9.77 10.43 28.98
C ARG D 72 10.61 11.28 28.05
N ASP D 73 11.86 10.87 27.89
CA ASP D 73 12.78 11.48 26.93
C ASP D 73 13.28 10.35 26.05
N ASP D 74 12.75 10.28 24.84
CA ASP D 74 13.03 9.23 23.88
C ASP D 74 14.41 9.32 23.22
N PRO D 75 14.97 10.49 22.86
CA PRO D 75 16.37 10.47 22.39
C PRO D 75 17.36 10.15 23.48
N LYS D 76 17.04 10.45 24.74
CA LYS D 76 17.96 10.19 25.84
C LYS D 76 17.65 8.88 26.55
N ASN D 77 16.55 8.22 26.21
CA ASN D 77 16.11 6.94 26.79
C ASN D 77 15.97 7.02 28.30
N THR D 78 15.21 8.00 28.78
CA THR D 78 14.99 8.14 30.21
C THR D 78 13.50 8.29 30.48
N LEU D 79 13.08 7.87 31.67
CA LEU D 79 11.68 7.94 32.05
C LEU D 79 11.56 8.62 33.41
N PHE D 80 10.94 9.79 33.44
CA PHE D 80 10.82 10.58 34.65
C PHE D 80 9.44 10.43 35.28
N LEU D 81 9.40 10.50 36.59
CA LEU D 81 8.18 10.67 37.37
C LEU D 81 8.45 11.78 38.36
N GLN D 82 7.83 12.93 38.14
CA GLN D 82 7.99 14.10 39.01
C GLN D 82 6.83 14.14 39.99
N MET D 83 7.15 14.01 41.27
CA MET D 83 6.17 13.98 42.34
C MET D 83 6.21 15.28 43.12
N THR D 84 5.04 15.78 43.49
CA THR D 84 4.91 17.03 44.22
C THR D 84 4.05 16.80 45.45
N SER D 85 4.48 17.39 46.57
CA SER D 85 3.81 17.36 47.87
C SER D 85 3.63 15.92 48.35
N LEU D 86 4.71 15.30 48.80
CA LEU D 86 4.70 13.90 49.17
C LEU D 86 4.08 13.70 50.54
N ARG D 87 3.11 12.79 50.61
CA ARG D 87 2.42 12.50 51.86
C ARG D 87 3.18 11.40 52.60
N SER D 88 2.53 10.75 53.55
CA SER D 88 3.12 9.62 54.25
C SER D 88 2.74 8.28 53.65
N GLU D 89 1.84 8.27 52.68
CA GLU D 89 1.50 7.05 51.96
C GLU D 89 2.42 6.80 50.78
N ASP D 90 3.40 7.67 50.56
CA ASP D 90 4.29 7.60 49.40
C ASP D 90 5.71 7.21 49.78
N THR D 91 5.92 6.58 50.92
CA THR D 91 7.21 6.01 51.27
C THR D 91 7.19 4.54 50.88
N ALA D 92 7.92 4.22 49.81
CA ALA D 92 7.79 2.91 49.17
C ALA D 92 8.94 2.71 48.20
N MET D 93 8.96 1.54 47.57
CA MET D 93 9.90 1.23 46.51
C MET D 93 9.20 1.39 45.16
N TYR D 94 9.79 2.19 44.28
CA TYR D 94 9.20 2.52 43.00
C TYR D 94 9.92 1.75 41.90
N TYR D 95 9.17 0.95 41.16
CA TYR D 95 9.66 0.13 40.08
C TYR D 95 9.25 0.72 38.74
N CYS D 96 10.12 0.53 37.76
CA CYS D 96 9.99 1.02 36.40
C CYS D 96 9.79 -0.18 35.50
N VAL D 97 8.60 -0.31 34.92
CA VAL D 97 8.23 -1.48 34.15
C VAL D 97 8.08 -1.07 32.70
N ARG D 98 8.45 -1.95 31.78
CA ARG D 98 8.20 -1.74 30.37
C ARG D 98 7.12 -2.70 29.90
N SER D 99 6.38 -2.27 28.88
CA SER D 99 5.29 -3.10 28.36
C SER D 99 4.97 -2.66 26.95
N ILE D 100 4.96 -3.60 26.01
CA ILE D 100 4.65 -3.30 24.61
C ILE D 100 3.34 -3.97 24.26
N TYR D 101 2.53 -3.30 23.47
CA TYR D 101 1.18 -3.76 23.20
C TYR D 101 0.98 -3.87 21.69
N TYR D 102 0.87 -5.11 21.22
CA TYR D 102 0.34 -5.43 19.91
C TYR D 102 -0.28 -6.81 20.03
N TYR D 103 -0.60 -7.42 18.91
CA TYR D 103 -1.22 -8.74 18.96
C TYR D 103 -0.16 -9.77 19.29
N GLY D 104 -0.27 -10.39 20.47
CA GLY D 104 0.64 -11.44 20.86
C GLY D 104 1.80 -11.01 21.72
N SER D 105 1.84 -9.75 22.14
CA SER D 105 2.94 -9.28 22.94
C SER D 105 2.79 -9.71 24.38
N SER D 106 3.89 -9.58 25.13
CA SER D 106 3.89 -9.89 26.56
C SER D 106 4.14 -8.62 27.33
N PRO D 107 3.11 -7.94 27.81
CA PRO D 107 3.32 -6.74 28.61
C PRO D 107 3.91 -7.08 29.97
N PHE D 108 4.49 -6.05 30.60
CA PHE D 108 5.06 -6.09 31.95
C PHE D 108 6.20 -7.10 32.06
N ASP D 109 6.94 -7.32 30.97
CA ASP D 109 7.90 -8.41 30.96
C ASP D 109 9.17 -8.08 31.75
N PHE D 110 9.70 -6.88 31.59
CA PHE D 110 10.91 -6.50 32.31
C PHE D 110 10.60 -5.45 33.35
N TRP D 111 11.15 -5.62 34.54
CA TRP D 111 10.97 -4.71 35.65
C TRP D 111 12.33 -4.15 36.06
N GLY D 112 12.32 -2.90 36.52
CA GLY D 112 13.54 -2.24 36.90
C GLY D 112 14.03 -2.66 38.27
N GLN D 113 15.10 -1.98 38.70
CA GLN D 113 15.67 -2.24 40.02
C GLN D 113 14.78 -1.72 41.13
N GLY D 114 14.18 -0.55 40.93
CA GLY D 114 13.31 0.05 41.92
C GLY D 114 14.08 0.83 42.95
N THR D 115 13.66 2.06 43.20
CA THR D 115 14.36 2.93 44.14
C THR D 115 13.51 3.18 45.37
N THR D 116 14.15 3.39 46.50
CA THR D 116 13.45 3.60 47.76
C THR D 116 13.24 5.08 48.00
N LEU D 117 12.01 5.44 48.35
CA LEU D 117 11.66 6.82 48.69
C LEU D 117 11.03 6.81 50.07
N THR D 118 11.74 7.35 51.05
CA THR D 118 11.27 7.39 52.43
C THR D 118 10.91 8.83 52.77
N VAL D 119 9.65 9.06 53.12
CA VAL D 119 9.22 10.36 53.61
C VAL D 119 9.43 10.38 55.12
N SER D 120 9.19 11.54 55.74
CA SER D 120 9.30 11.69 57.18
C SER D 120 7.90 11.79 57.76
N SER D 121 7.58 10.91 58.70
CA SER D 121 6.27 10.91 59.34
C SER D 121 6.12 12.10 60.29
N SER D 136 -15.33 2.31 41.55
CA SER D 136 -15.75 1.33 40.56
C SER D 136 -14.57 0.52 40.05
N ASP D 137 -13.47 0.55 40.79
CA ASP D 137 -12.28 -0.22 40.43
C ASP D 137 -12.53 -1.71 40.65
N ILE D 138 -11.77 -2.52 39.95
CA ILE D 138 -11.90 -3.97 40.04
C ILE D 138 -11.05 -4.44 41.22
N VAL D 139 -11.69 -5.06 42.19
CA VAL D 139 -11.01 -5.56 43.38
C VAL D 139 -10.47 -6.94 43.07
N MET D 140 -9.18 -7.15 43.33
CA MET D 140 -8.48 -8.38 43.00
C MET D 140 -8.06 -9.06 44.30
N THR D 141 -8.84 -10.05 44.73
CA THR D 141 -8.54 -10.75 45.96
C THR D 141 -7.58 -11.91 45.70
N GLN D 142 -6.98 -12.40 46.77
CA GLN D 142 -6.03 -13.49 46.65
C GLN D 142 -5.94 -14.32 47.92
N ALA D 143 -6.64 -13.95 48.99
CA ALA D 143 -6.78 -14.60 50.30
C ALA D 143 -5.47 -14.65 51.11
N THR D 144 -4.36 -14.15 50.56
CA THR D 144 -3.05 -14.02 51.23
C THR D 144 -2.55 -15.34 51.81
N SER D 145 -2.87 -16.45 51.14
CA SER D 145 -2.64 -17.79 51.70
C SER D 145 -1.15 -18.11 51.64
N SER D 146 -0.41 -17.54 52.59
CA SER D 146 1.04 -17.73 52.66
C SER D 146 1.31 -19.14 53.16
N VAL D 147 1.29 -20.09 52.23
CA VAL D 147 1.35 -21.50 52.58
C VAL D 147 2.78 -22.01 52.54
N PRO D 148 3.16 -22.90 53.46
CA PRO D 148 4.46 -23.58 53.35
C PRO D 148 4.38 -24.81 52.47
N VAL D 149 5.49 -25.10 51.81
CA VAL D 149 5.54 -26.20 50.85
C VAL D 149 6.98 -26.72 50.79
N THR D 150 7.10 -28.05 50.71
CA THR D 150 8.38 -28.72 50.57
C THR D 150 8.81 -28.73 49.10
N PRO D 151 10.12 -28.68 48.81
CA PRO D 151 10.57 -28.71 47.42
C PRO D 151 10.37 -30.08 46.80
N GLY D 152 9.78 -30.09 45.60
CA GLY D 152 9.58 -31.31 44.82
C GLY D 152 8.13 -31.58 44.50
N GLU D 153 7.20 -31.09 45.31
CA GLU D 153 5.78 -31.37 45.14
C GLU D 153 5.08 -30.24 44.40
N SER D 154 3.79 -30.41 44.18
CA SER D 154 2.97 -29.45 43.46
C SER D 154 2.34 -28.44 44.42
N VAL D 155 1.85 -27.34 43.85
CA VAL D 155 1.18 -26.29 44.61
C VAL D 155 0.24 -25.57 43.65
N SER D 156 -0.77 -24.90 44.20
CA SER D 156 -1.73 -24.17 43.38
C SER D 156 -2.18 -22.92 44.14
N ILE D 157 -1.94 -21.76 43.53
CA ILE D 157 -2.28 -20.47 44.12
C ILE D 157 -3.52 -19.94 43.42
N SER D 158 -4.52 -19.52 44.20
CA SER D 158 -5.77 -19.06 43.65
C SER D 158 -5.85 -17.54 43.63
N CYS D 159 -6.81 -17.03 42.87
CA CYS D 159 -7.07 -15.60 42.74
C CYS D 159 -8.50 -15.40 42.29
N ARG D 160 -9.08 -14.27 42.67
CA ARG D 160 -10.48 -14.01 42.39
C ARG D 160 -10.67 -12.52 42.15
N SER D 161 -11.49 -12.18 41.17
CA SER D 161 -11.77 -10.79 40.85
C SER D 161 -13.22 -10.46 41.22
N SER D 162 -13.57 -9.19 41.03
CA SER D 162 -14.94 -8.73 41.23
C SER D 162 -15.68 -8.50 39.93
N LYS D 163 -14.99 -8.53 38.80
CA LYS D 163 -15.58 -8.35 37.49
C LYS D 163 -14.99 -9.41 36.56
N SER D 164 -15.76 -9.81 35.56
CA SER D 164 -15.30 -10.82 34.62
C SER D 164 -14.20 -10.24 33.73
N LEU D 165 -13.00 -10.81 33.83
CA LEU D 165 -11.87 -10.34 33.05
C LEU D 165 -11.91 -10.80 31.60
N LEU D 166 -12.76 -11.76 31.26
CA LEU D 166 -12.85 -12.25 29.90
C LEU D 166 -13.58 -11.23 29.04
N HIS D 167 -12.85 -10.56 28.16
CA HIS D 167 -13.42 -9.56 27.29
C HIS D 167 -14.12 -10.22 26.10
N SER D 168 -14.69 -9.38 25.23
CA SER D 168 -15.43 -9.89 24.08
C SER D 168 -14.51 -10.45 23.02
N ASN D 169 -13.25 -9.99 22.97
CA ASN D 169 -12.36 -10.44 21.91
C ASN D 169 -11.86 -11.86 22.13
N GLY D 170 -11.89 -12.35 23.36
CA GLY D 170 -11.45 -13.69 23.68
C GLY D 170 -10.35 -13.76 24.71
N ASN D 171 -9.73 -12.64 25.05
CA ASN D 171 -8.65 -12.66 26.01
C ASN D 171 -9.19 -12.74 27.42
N THR D 172 -8.28 -12.96 28.37
CA THR D 172 -8.59 -12.96 29.79
C THR D 172 -7.40 -12.28 30.47
N TYR D 173 -7.53 -10.97 30.69
CA TYR D 173 -6.39 -10.13 31.05
C TYR D 173 -6.05 -10.33 32.52
N LEU D 174 -5.38 -11.43 32.81
CA LEU D 174 -4.84 -11.71 34.12
C LEU D 174 -3.36 -12.03 34.01
N TYR D 175 -2.55 -11.36 34.80
CA TYR D 175 -1.10 -11.47 34.73
C TYR D 175 -0.59 -12.00 36.06
N TRP D 176 0.40 -12.88 36.03
CA TRP D 176 0.96 -13.46 37.24
C TRP D 176 2.41 -13.03 37.38
N PHE D 177 2.77 -12.56 38.56
CA PHE D 177 4.12 -12.06 38.82
C PHE D 177 4.71 -12.79 40.01
N LEU D 178 6.01 -13.09 39.91
CA LEU D 178 6.77 -13.68 40.99
C LEU D 178 7.78 -12.65 41.50
N GLN D 179 7.81 -12.45 42.80
CA GLN D 179 8.83 -11.61 43.43
C GLN D 179 9.61 -12.47 44.42
N ARG D 180 10.88 -12.72 44.10
CA ARG D 180 11.75 -13.46 44.98
C ARG D 180 12.14 -12.57 46.17
N PRO D 181 12.62 -13.18 47.26
CA PRO D 181 13.18 -12.37 48.35
C PRO D 181 14.39 -11.55 47.91
N GLY D 182 14.23 -10.23 47.99
CA GLY D 182 15.31 -9.33 47.62
C GLY D 182 15.48 -9.12 46.13
N GLN D 183 14.42 -9.30 45.35
CA GLN D 183 14.51 -9.12 43.91
C GLN D 183 13.31 -8.34 43.42
N SER D 184 13.42 -7.89 42.17
CA SER D 184 12.34 -7.25 41.44
C SER D 184 11.34 -8.31 41.00
N PRO D 185 10.11 -7.91 40.68
CA PRO D 185 9.16 -8.89 40.15
C PRO D 185 9.50 -9.39 38.76
N GLN D 186 8.70 -10.33 38.25
CA GLN D 186 9.06 -11.06 37.06
C GLN D 186 7.81 -11.72 36.51
N LEU D 187 7.55 -11.55 35.22
CA LEU D 187 6.35 -12.08 34.62
C LEU D 187 6.46 -13.58 34.45
N LEU D 188 5.49 -14.32 34.98
CA LEU D 188 5.38 -15.75 34.72
C LEU D 188 4.33 -16.06 33.67
N ILE D 189 3.12 -15.57 33.87
CA ILE D 189 1.97 -15.89 33.03
C ILE D 189 1.32 -14.58 32.62
N TYR D 190 1.22 -14.34 31.32
CA TYR D 190 0.53 -13.16 30.83
C TYR D 190 -0.75 -13.58 30.10
N ARG D 191 -1.83 -12.85 30.40
CA ARG D 191 -3.16 -13.07 29.86
C ARG D 191 -3.65 -14.50 30.13
N MET D 192 -3.67 -14.83 31.43
CA MET D 192 -4.26 -16.04 32.01
C MET D 192 -3.59 -17.35 31.61
N SER D 193 -3.41 -17.60 30.32
CA SER D 193 -2.88 -18.87 29.85
C SER D 193 -1.41 -18.83 29.49
N ASN D 194 -0.97 -17.78 28.80
CA ASN D 194 0.29 -17.80 28.09
C ASN D 194 1.47 -17.63 29.03
N LEU D 195 2.44 -18.53 28.91
CA LEU D 195 3.63 -18.50 29.73
C LEU D 195 4.66 -17.57 29.10
N ALA D 196 5.33 -16.78 29.94
CA ALA D 196 6.31 -15.83 29.46
C ALA D 196 7.58 -16.53 29.00
N SER D 197 8.53 -15.75 28.50
CA SER D 197 9.77 -16.29 27.96
C SER D 197 10.88 -16.22 28.99
N GLY D 198 11.71 -17.25 29.02
CA GLY D 198 12.70 -17.40 30.07
C GLY D 198 12.16 -18.05 31.32
N VAL D 199 10.91 -18.47 31.32
CA VAL D 199 10.25 -19.06 32.47
C VAL D 199 10.07 -20.55 32.19
N PRO D 200 10.41 -21.44 33.13
CA PRO D 200 10.27 -22.88 32.87
C PRO D 200 8.82 -23.29 32.75
N ASP D 201 8.60 -24.37 32.02
CA ASP D 201 7.26 -24.77 31.61
C ASP D 201 6.47 -25.47 32.71
N ARG D 202 7.01 -25.56 33.93
CA ARG D 202 6.28 -26.22 35.00
C ARG D 202 5.12 -25.36 35.50
N PHE D 203 5.23 -24.04 35.36
CA PHE D 203 4.15 -23.15 35.74
C PHE D 203 2.99 -23.27 34.78
N SER D 204 1.78 -23.08 35.29
CA SER D 204 0.60 -23.14 34.44
C SER D 204 -0.46 -22.23 35.00
N GLY D 205 -1.06 -21.42 34.15
CA GLY D 205 -2.17 -20.56 34.52
C GLY D 205 -3.46 -21.13 33.94
N SER D 206 -4.53 -21.08 34.71
CA SER D 206 -5.81 -21.58 34.25
C SER D 206 -6.91 -20.87 35.00
N GLY D 207 -8.14 -21.09 34.56
CA GLY D 207 -9.28 -20.55 35.25
C GLY D 207 -10.34 -20.00 34.33
N SER D 208 -11.49 -19.70 34.90
CA SER D 208 -12.59 -19.08 34.17
C SER D 208 -12.79 -17.68 34.73
N GLY D 209 -13.85 -17.01 34.26
CA GLY D 209 -14.17 -15.66 34.66
C GLY D 209 -14.35 -15.48 36.16
N THR D 210 -13.58 -14.53 36.72
CA THR D 210 -13.46 -14.23 38.14
C THR D 210 -12.99 -15.43 38.98
N ALA D 211 -12.29 -16.39 38.40
CA ALA D 211 -11.82 -17.53 39.21
C ALA D 211 -10.57 -18.10 38.55
N PHE D 212 -9.39 -17.80 39.11
CA PHE D 212 -8.15 -18.13 38.46
C PHE D 212 -7.24 -18.90 39.40
N THR D 213 -6.32 -19.66 38.82
CA THR D 213 -5.38 -20.43 39.59
C THR D 213 -4.09 -20.61 38.81
N LEU D 214 -3.00 -20.78 39.56
CA LEU D 214 -1.66 -20.97 39.01
C LEU D 214 -1.09 -22.20 39.67
N THR D 215 -0.86 -23.25 38.88
CA THR D 215 -0.33 -24.50 39.39
C THR D 215 1.15 -24.60 39.06
N ILE D 216 1.95 -24.93 40.06
CA ILE D 216 3.36 -25.24 39.89
C ILE D 216 3.53 -26.73 40.18
N SER D 217 4.07 -27.46 39.21
CA SER D 217 4.39 -28.86 39.38
C SER D 217 5.90 -29.00 39.52
N ARG D 218 6.31 -29.82 40.48
CA ARG D 218 7.71 -29.99 40.90
C ARG D 218 8.34 -28.65 41.28
N LEU D 219 7.89 -28.13 42.43
CA LEU D 219 8.38 -26.88 42.97
C LEU D 219 9.84 -27.02 43.35
N GLU D 220 10.71 -26.34 42.62
CA GLU D 220 12.15 -26.42 42.86
C GLU D 220 12.59 -25.21 43.69
N ALA D 221 13.89 -24.96 43.73
CA ALA D 221 14.40 -23.75 44.34
C ALA D 221 14.09 -22.55 43.45
N GLU D 222 14.20 -21.36 44.05
CA GLU D 222 13.83 -20.08 43.44
C GLU D 222 12.36 -20.07 42.99
N ASP D 223 11.50 -20.74 43.74
CA ASP D 223 10.06 -20.56 43.65
C ASP D 223 9.48 -19.96 44.92
N VAL D 224 10.24 -19.99 46.02
CA VAL D 224 9.85 -19.31 47.25
C VAL D 224 9.81 -17.81 47.03
N GLY D 225 8.72 -17.19 47.43
CA GLY D 225 8.57 -15.77 47.22
C GLY D 225 7.10 -15.41 47.15
N VAL D 226 6.83 -14.19 46.73
CA VAL D 226 5.47 -13.67 46.71
C VAL D 226 4.93 -13.77 45.29
N TYR D 227 3.65 -14.07 45.16
CA TYR D 227 3.02 -14.24 43.86
C TYR D 227 1.83 -13.31 43.79
N TYR D 228 1.74 -12.54 42.72
CA TYR D 228 0.72 -11.52 42.54
C TYR D 228 -0.08 -11.78 41.29
N CYS D 229 -1.38 -11.47 41.35
CA CYS D 229 -2.26 -11.53 40.20
C CYS D 229 -2.75 -10.13 39.90
N MET D 230 -2.43 -9.64 38.71
CA MET D 230 -2.79 -8.31 38.26
C MET D 230 -3.83 -8.42 37.16
N GLN D 231 -4.69 -7.42 37.05
CA GLN D 231 -5.60 -7.34 35.93
C GLN D 231 -5.18 -6.21 35.00
N HIS D 232 -5.44 -6.41 33.72
CA HIS D 232 -5.22 -5.39 32.72
C HIS D 232 -6.46 -5.21 31.87
N LEU D 233 -7.62 -5.37 32.48
CA LEU D 233 -8.86 -5.22 31.73
C LEU D 233 -9.19 -3.76 31.47
N GLU D 234 -9.03 -2.91 32.49
CA GLU D 234 -9.23 -1.48 32.33
C GLU D 234 -8.48 -0.77 33.44
N TYR D 235 -8.08 0.44 33.16
CA TYR D 235 -7.33 1.22 34.14
C TYR D 235 -8.28 1.75 35.22
N PRO D 236 -7.85 1.78 36.49
CA PRO D 236 -6.54 1.43 37.05
C PRO D 236 -6.27 -0.05 37.22
N LEU D 237 -5.00 -0.42 37.08
CA LEU D 237 -4.58 -1.79 37.24
C LEU D 237 -4.43 -2.09 38.73
N THR D 238 -5.09 -3.17 39.18
CA THR D 238 -5.15 -3.51 40.59
C THR D 238 -4.49 -4.85 40.82
N PHE D 239 -3.50 -4.86 41.69
CA PHE D 239 -2.76 -6.06 42.01
C PHE D 239 -3.46 -6.84 43.11
N GLY D 240 -3.24 -8.15 43.13
CA GLY D 240 -3.64 -8.95 44.26
C GLY D 240 -2.81 -8.63 45.47
N ALA D 241 -3.29 -9.10 46.63
CA ALA D 241 -2.60 -8.82 47.87
C ALA D 241 -1.30 -9.59 48.01
N GLY D 242 -1.17 -10.71 47.34
CA GLY D 242 0.08 -11.46 47.35
C GLY D 242 -0.08 -12.77 48.10
N THR D 243 0.59 -13.80 47.60
CA THR D 243 0.66 -15.10 48.24
C THR D 243 2.12 -15.45 48.44
N LYS D 244 2.56 -15.56 49.69
CA LYS D 244 3.97 -15.72 49.98
C LYS D 244 4.28 -17.20 50.20
N LEU D 245 4.73 -17.86 49.14
CA LEU D 245 5.14 -19.25 49.25
C LEU D 245 6.47 -19.30 49.99
N GLU D 246 6.66 -20.39 50.74
CA GLU D 246 7.86 -20.56 51.55
C GLU D 246 8.09 -22.05 51.77
N LEU D 247 9.05 -22.37 52.64
CA LEU D 247 9.40 -23.74 52.93
C LEU D 247 8.86 -24.20 54.29
N CYS E 28 -45.62 46.41 -9.99
CA CYS E 28 -45.01 46.71 -11.28
C CYS E 28 -45.64 45.86 -12.37
N THR E 29 -45.12 46.00 -13.59
CA THR E 29 -45.54 45.19 -14.71
C THR E 29 -44.44 44.19 -15.05
N LYS E 30 -44.83 43.10 -15.69
CA LYS E 30 -43.90 42.01 -15.94
C LYS E 30 -44.33 41.25 -17.17
N SER E 31 -43.54 40.24 -17.54
CA SER E 31 -43.83 39.41 -18.69
C SER E 31 -43.35 37.98 -18.44
N TYR E 32 -44.24 37.01 -18.64
CA TYR E 32 -43.92 35.61 -18.37
C TYR E 32 -42.90 35.07 -19.36
N SER E 33 -43.20 35.20 -20.66
CA SER E 33 -42.48 34.57 -21.77
C SER E 33 -42.38 33.07 -21.57
N ALA E 34 -43.43 32.33 -21.97
CA ALA E 34 -43.50 30.90 -21.72
C ALA E 34 -42.49 30.12 -22.54
N PHE E 35 -42.06 30.68 -23.67
CA PHE E 35 -40.98 30.07 -24.46
C PHE E 35 -39.69 30.02 -23.65
N LEU E 36 -39.30 31.15 -23.07
CA LEU E 36 -38.07 31.19 -22.30
C LEU E 36 -38.22 30.48 -20.97
N SER E 37 -39.45 30.39 -20.44
CA SER E 37 -39.66 29.62 -19.22
C SER E 37 -39.51 28.13 -19.47
N GLY E 38 -40.01 27.66 -20.62
CA GLY E 38 -39.76 26.29 -21.01
C GLY E 38 -38.30 26.02 -21.29
N MET E 39 -37.60 27.01 -21.85
CA MET E 39 -36.16 26.88 -22.11
C MET E 39 -35.38 26.75 -20.80
N THR E 40 -35.60 27.66 -19.86
CA THR E 40 -34.90 27.61 -18.58
C THR E 40 -35.52 26.64 -17.59
N SER E 41 -36.54 25.89 -17.98
CA SER E 41 -36.92 24.70 -17.22
C SER E 41 -36.24 23.46 -17.78
N LEU E 42 -36.21 23.33 -19.11
CA LEU E 42 -35.53 22.20 -19.73
C LEU E 42 -34.04 22.23 -19.47
N LEU E 43 -33.44 23.42 -19.48
CA LEU E 43 -32.01 23.56 -19.19
C LEU E 43 -31.70 23.19 -17.75
N LEU E 44 -32.56 23.57 -16.82
CA LEU E 44 -32.30 23.28 -15.41
C LEU E 44 -32.50 21.80 -15.10
N VAL E 45 -33.51 21.17 -15.70
CA VAL E 45 -33.67 19.74 -15.47
C VAL E 45 -32.65 18.93 -16.27
N LEU E 46 -32.02 19.54 -17.29
CA LEU E 46 -30.85 18.91 -17.90
C LEU E 46 -29.64 19.01 -17.00
N LEU E 47 -29.42 20.19 -16.40
CA LEU E 47 -28.25 20.45 -15.57
C LEU E 47 -28.37 19.87 -14.17
N ILE E 48 -29.54 19.35 -13.80
CA ILE E 48 -29.61 18.52 -12.60
C ILE E 48 -29.09 17.12 -12.89
N LEU E 49 -29.54 16.53 -14.00
CA LEU E 49 -29.18 15.16 -14.33
C LEU E 49 -27.72 15.06 -14.77
N LEU E 50 -27.26 16.00 -15.60
CA LEU E 50 -25.88 15.99 -16.06
C LEU E 50 -24.90 16.51 -15.03
N THR E 51 -25.36 16.83 -13.84
CA THR E 51 -24.50 17.07 -12.68
C THR E 51 -24.53 15.92 -11.69
N LEU E 52 -25.71 15.32 -11.45
CA LEU E 52 -25.77 14.13 -10.61
C LEU E 52 -25.06 12.95 -11.23
N ALA E 53 -25.09 12.84 -12.57
CA ALA E 53 -24.36 11.78 -13.25
C ALA E 53 -22.86 11.96 -13.07
N GLY E 54 -22.38 13.20 -13.16
CA GLY E 54 -20.96 13.44 -12.92
C GLY E 54 -20.56 13.24 -11.47
N ILE E 55 -21.44 13.58 -10.54
CA ILE E 55 -21.16 13.40 -9.12
C ILE E 55 -21.06 11.91 -8.78
N LEU E 56 -22.03 11.13 -9.26
CA LEU E 56 -22.01 9.70 -9.01
C LEU E 56 -20.89 9.01 -9.77
N PHE E 57 -20.48 9.56 -10.93
CA PHE E 57 -19.34 9.00 -11.64
C PHE E 57 -18.04 9.24 -10.88
N ILE E 58 -17.90 10.43 -10.28
CA ILE E 58 -16.67 10.72 -9.55
C ILE E 58 -16.60 9.90 -8.26
N ILE E 59 -17.72 9.72 -7.57
CA ILE E 59 -17.69 8.99 -6.31
C ILE E 59 -17.56 7.49 -6.55
N PHE E 60 -18.38 6.92 -7.44
CA PHE E 60 -18.42 5.47 -7.61
C PHE E 60 -17.30 4.98 -8.53
N VAL E 61 -17.38 5.33 -9.81
CA VAL E 61 -16.51 4.71 -10.81
C VAL E 61 -15.09 5.28 -10.77
N ARG E 62 -14.94 6.51 -10.29
CA ARG E 62 -13.65 7.20 -10.29
C ARG E 62 -12.97 7.15 -8.93
N LYS E 63 -13.75 7.02 -7.85
CA LYS E 63 -13.32 6.71 -6.49
C LYS E 63 -12.46 7.78 -5.83
N LEU E 64 -12.34 8.97 -6.43
CA LEU E 64 -11.61 10.12 -5.89
C LEU E 64 -10.15 9.80 -5.58
N VAL E 65 -9.50 9.07 -6.49
CA VAL E 65 -8.10 8.72 -6.28
C VAL E 65 -7.18 9.88 -6.62
N HIS E 66 -7.60 10.78 -7.51
CA HIS E 66 -6.78 11.88 -7.98
C HIS E 66 -7.28 13.19 -7.38
N ARG E 67 -6.41 14.19 -7.42
CA ARG E 67 -6.79 15.50 -6.88
C ARG E 67 -7.77 16.23 -7.79
N MET E 68 -7.69 15.97 -9.09
CA MET E 68 -8.65 16.56 -10.01
C MET E 68 -10.05 16.02 -9.79
N ASP E 69 -10.18 14.83 -9.21
CA ASP E 69 -11.51 14.35 -8.83
C ASP E 69 -12.07 15.16 -7.67
N VAL E 70 -11.21 15.60 -6.76
CA VAL E 70 -11.66 16.46 -5.66
C VAL E 70 -12.07 17.83 -6.20
N TRP E 71 -11.26 18.40 -7.10
CA TRP E 71 -11.61 19.68 -7.70
C TRP E 71 -12.89 19.60 -8.53
N LEU E 72 -13.06 18.51 -9.27
CA LEU E 72 -14.24 18.35 -10.10
C LEU E 72 -15.49 18.06 -9.29
N ILE E 73 -15.35 17.32 -8.17
CA ILE E 73 -16.54 17.09 -7.35
C ILE E 73 -16.92 18.37 -6.63
N ALA E 74 -15.95 19.23 -6.31
CA ALA E 74 -16.28 20.53 -5.75
C ALA E 74 -17.01 21.39 -6.77
N LEU E 75 -16.52 21.41 -8.01
CA LEU E 75 -17.15 22.20 -9.06
C LEU E 75 -18.56 21.72 -9.36
N LEU E 76 -18.76 20.41 -9.39
CA LEU E 76 -20.07 19.87 -9.71
C LEU E 76 -21.06 20.10 -8.58
N ILE E 77 -20.62 19.97 -7.33
CA ILE E 77 -21.54 20.22 -6.23
C ILE E 77 -21.84 21.71 -6.10
N GLU E 78 -20.88 22.58 -6.44
CA GLU E 78 -21.16 24.01 -6.44
C GLU E 78 -22.07 24.42 -7.57
N LEU E 79 -22.05 23.71 -8.69
CA LEU E 79 -23.02 24.00 -9.75
C LEU E 79 -24.40 23.48 -9.37
N LEU E 80 -24.47 22.30 -8.74
CA LEU E 80 -25.76 21.74 -8.35
C LEU E 80 -26.42 22.57 -7.26
N LEU E 81 -25.63 23.12 -6.34
CA LEU E 81 -26.15 23.95 -5.27
C LEU E 81 -26.69 25.28 -5.77
N TRP E 82 -26.29 25.69 -6.97
CA TRP E 82 -26.86 26.85 -7.65
C TRP E 82 -28.08 26.46 -8.48
N VAL E 83 -28.01 25.32 -9.18
CA VAL E 83 -29.07 24.94 -10.09
C VAL E 83 -30.33 24.54 -9.31
N LEU E 84 -30.15 23.87 -8.17
CA LEU E 84 -31.29 23.54 -7.32
C LEU E 84 -31.91 24.80 -6.73
N GLY E 85 -31.10 25.78 -6.37
CA GLY E 85 -31.64 27.02 -5.86
C GLY E 85 -32.41 27.82 -6.90
N LYS E 86 -31.88 27.87 -8.13
CA LYS E 86 -32.59 28.53 -9.21
C LYS E 86 -33.87 27.78 -9.59
N MET E 87 -33.85 26.46 -9.47
CA MET E 87 -35.06 25.68 -9.76
C MET E 87 -36.12 25.87 -8.68
N ILE E 88 -35.69 26.02 -7.43
CA ILE E 88 -36.63 26.31 -6.35
C ILE E 88 -37.21 27.71 -6.52
N GLN E 89 -36.38 28.68 -6.91
CA GLN E 89 -36.85 30.04 -7.12
C GLN E 89 -37.81 30.14 -8.31
N GLU E 90 -37.52 29.43 -9.40
CA GLU E 90 -38.40 29.48 -10.55
C GLU E 90 -39.67 28.67 -10.35
N PHE E 91 -39.59 27.56 -9.60
CA PHE E 91 -40.75 26.69 -9.46
C PHE E 91 -41.70 27.16 -8.37
N SER E 92 -41.18 27.58 -7.21
CA SER E 92 -42.03 28.00 -6.11
C SER E 92 -42.57 29.39 -6.39
N SER E 93 -43.90 29.52 -6.38
CA SER E 93 -44.55 30.80 -6.64
C SER E 93 -44.42 31.76 -5.45
N THR E 94 -44.07 31.25 -4.26
CA THR E 94 -43.92 32.10 -3.10
C THR E 94 -42.70 33.01 -3.22
N GLY E 95 -41.63 32.50 -3.82
CA GLY E 95 -40.40 33.27 -3.94
C GLY E 95 -39.25 32.59 -3.24
N LEU E 96 -39.33 32.54 -1.90
CA LEU E 96 -38.30 31.98 -1.02
C LEU E 96 -36.95 32.63 -1.29
N CYS E 97 -36.97 33.95 -1.44
CA CYS E 97 -35.84 34.66 -2.03
C CYS E 97 -34.65 34.74 -1.10
N LEU E 98 -34.85 34.65 0.21
CA LEU E 98 -33.71 34.61 1.13
C LEU E 98 -32.90 33.35 0.92
N LEU E 99 -33.57 32.20 0.95
CA LEU E 99 -32.89 30.91 0.77
C LEU E 99 -32.31 30.77 -0.63
N THR E 100 -33.10 31.08 -1.66
CA THR E 100 -32.64 30.89 -3.03
C THR E 100 -31.51 31.85 -3.39
N GLN E 101 -31.62 33.12 -3.00
CA GLN E 101 -30.57 34.08 -3.28
C GLN E 101 -29.29 33.74 -2.51
N ASN E 102 -29.43 33.28 -1.25
CA ASN E 102 -28.23 32.98 -0.49
C ASN E 102 -27.54 31.73 -1.00
N MET E 103 -28.30 30.70 -1.38
CA MET E 103 -27.64 29.49 -1.88
C MET E 103 -27.12 29.68 -3.30
N MET E 104 -27.74 30.52 -4.12
CA MET E 104 -27.19 30.80 -5.44
C MET E 104 -25.93 31.64 -5.34
N PHE E 105 -25.87 32.55 -4.37
CA PHE E 105 -24.63 33.29 -4.16
C PHE E 105 -23.53 32.39 -3.61
N LEU E 106 -23.89 31.43 -2.74
CA LEU E 106 -22.91 30.49 -2.21
C LEU E 106 -22.34 29.61 -3.31
N GLY E 107 -23.22 29.14 -4.22
CA GLY E 107 -22.75 28.35 -5.35
C GLY E 107 -21.84 29.11 -6.28
N LEU E 108 -22.22 30.36 -6.61
CA LEU E 108 -21.40 31.13 -7.54
C LEU E 108 -20.07 31.54 -6.93
N MET E 109 -20.06 31.96 -5.65
CA MET E 109 -18.82 32.38 -5.02
C MET E 109 -17.88 31.21 -4.78
N CYS E 110 -18.43 30.04 -4.45
CA CYS E 110 -17.55 28.90 -4.27
C CYS E 110 -17.06 28.33 -5.59
N SER E 111 -17.84 28.45 -6.68
CA SER E 111 -17.31 28.10 -7.99
C SER E 111 -16.19 29.03 -8.41
N VAL E 112 -16.35 30.34 -8.14
CA VAL E 112 -15.32 31.32 -8.47
C VAL E 112 -14.03 31.01 -7.72
N TRP E 113 -14.13 30.72 -6.43
CA TRP E 113 -12.89 30.47 -5.71
C TRP E 113 -12.35 29.06 -5.91
N THR E 114 -13.18 28.13 -6.38
CA THR E 114 -12.64 26.84 -6.82
C THR E 114 -11.79 27.00 -8.08
N HIS E 115 -12.26 27.81 -9.04
CA HIS E 115 -11.47 28.08 -10.24
C HIS E 115 -10.18 28.80 -9.91
N LEU E 116 -10.24 29.75 -8.96
CA LEU E 116 -9.03 30.41 -8.49
C LEU E 116 -8.06 29.43 -7.83
N GLY E 117 -8.58 28.48 -7.06
CA GLY E 117 -7.71 27.49 -6.43
C GLY E 117 -7.05 26.57 -7.43
N MET E 118 -7.77 26.18 -8.48
CA MET E 118 -7.19 25.33 -9.51
C MET E 118 -6.10 26.06 -10.29
N ALA E 119 -6.39 27.27 -10.75
CA ALA E 119 -5.38 27.99 -11.51
C ALA E 119 -4.26 28.56 -10.64
N LEU E 120 -4.40 28.55 -9.32
CA LEU E 120 -3.26 28.85 -8.45
C LEU E 120 -2.42 27.61 -8.17
N GLU E 121 -3.06 26.45 -8.11
CA GLU E 121 -2.32 25.21 -7.92
C GLU E 121 -1.46 24.90 -9.15
N LYS E 122 -1.98 25.18 -10.35
CA LYS E 122 -1.17 24.99 -11.56
C LYS E 122 0.02 25.94 -11.58
N THR E 123 -0.16 27.17 -11.10
CA THR E 123 0.93 28.14 -11.05
C THR E 123 1.99 27.72 -10.06
N LEU E 124 1.58 27.16 -8.92
CA LEU E 124 2.57 26.63 -7.99
C LEU E 124 3.24 25.38 -8.52
N ALA E 125 2.56 24.63 -9.39
CA ALA E 125 3.17 23.46 -10.00
C ALA E 125 4.25 23.84 -11.00
N LEU E 126 4.02 24.92 -11.77
CA LEU E 126 5.03 25.35 -12.74
C LEU E 126 6.29 25.88 -12.10
N PHE E 127 6.23 26.34 -10.86
CA PHE E 127 7.41 26.91 -10.20
C PHE E 127 7.99 25.95 -9.17
N SER E 128 7.64 24.67 -9.24
CA SER E 128 8.18 23.70 -8.31
C SER E 128 9.59 23.28 -8.73
N ARG E 129 10.26 22.62 -7.82
CA ARG E 129 11.60 22.12 -8.06
C ARG E 129 11.75 20.65 -7.70
N THR E 130 11.18 20.24 -6.64
CA THR E 130 11.21 18.87 -6.17
C THR E 130 9.86 18.20 -6.45
N PRO E 131 9.86 16.91 -6.77
CA PRO E 131 8.59 16.25 -7.11
C PRO E 131 7.69 16.06 -5.92
N LYS E 132 6.83 17.04 -5.62
CA LYS E 132 5.90 16.94 -4.51
C LYS E 132 4.82 15.91 -4.88
N ARG E 133 5.15 14.64 -4.66
CA ARG E 133 4.21 13.55 -4.89
C ARG E 133 3.34 13.43 -3.65
N THR E 134 2.40 14.36 -3.54
CA THR E 134 1.50 14.45 -2.40
C THR E 134 0.07 14.26 -2.88
N SER E 135 -0.76 13.68 -2.02
CA SER E 135 -2.15 13.42 -2.34
C SER E 135 -3.03 14.56 -1.83
N HIS E 136 -4.33 14.43 -2.04
CA HIS E 136 -5.27 15.53 -1.84
C HIS E 136 -5.53 15.74 -0.35
N ARG E 137 -4.61 16.49 0.28
CA ARG E 137 -4.77 16.89 1.66
C ARG E 137 -4.72 18.39 1.88
N ASN E 138 -4.20 19.15 0.91
CA ASN E 138 -4.16 20.60 1.01
C ASN E 138 -5.16 21.27 0.09
N VAL E 139 -5.92 20.50 -0.68
CA VAL E 139 -7.11 21.03 -1.32
C VAL E 139 -8.26 21.11 -0.32
N CYS E 140 -8.26 20.21 0.67
CA CYS E 140 -9.33 20.17 1.67
C CYS E 140 -9.26 21.40 2.57
N LEU E 141 -8.05 21.79 2.94
CA LEU E 141 -7.81 23.05 3.64
C LEU E 141 -8.21 24.26 2.82
N TYR E 142 -8.25 24.13 1.49
CA TYR E 142 -8.76 25.21 0.65
C TYR E 142 -10.27 25.17 0.52
N LEU E 143 -10.84 23.98 0.30
CA LEU E 143 -12.28 23.89 0.03
C LEU E 143 -13.11 24.16 1.27
N MET E 144 -12.71 23.59 2.41
CA MET E 144 -13.39 23.87 3.67
C MET E 144 -13.23 25.33 4.05
N GLY E 145 -12.07 25.93 3.77
CA GLY E 145 -11.86 27.33 4.08
C GLY E 145 -12.72 28.25 3.23
N VAL E 146 -12.85 27.95 1.94
CA VAL E 146 -13.70 28.76 1.06
C VAL E 146 -15.17 28.61 1.46
N PHE E 147 -15.60 27.38 1.77
CA PHE E 147 -16.99 27.16 2.16
C PHE E 147 -17.33 27.85 3.47
N CYS E 148 -16.45 27.76 4.47
CA CYS E 148 -16.72 28.41 5.75
C CYS E 148 -16.60 29.92 5.63
N LEU E 149 -15.72 30.44 4.77
CA LEU E 149 -15.59 31.89 4.64
C LEU E 149 -16.79 32.50 3.93
N VAL E 150 -17.30 31.84 2.89
CA VAL E 150 -18.51 32.36 2.26
C VAL E 150 -19.73 32.13 3.15
N LEU E 151 -19.72 31.08 3.97
CA LEU E 151 -20.78 30.91 4.96
C LEU E 151 -20.76 32.02 6.00
N LEU E 152 -19.56 32.44 6.42
CA LEU E 152 -19.47 33.56 7.34
C LEU E 152 -19.87 34.87 6.68
N LEU E 153 -19.53 35.05 5.41
CA LEU E 153 -19.90 36.29 4.74
C LEU E 153 -21.36 36.32 4.30
N ILE E 154 -22.09 35.22 4.39
CA ILE E 154 -23.54 35.30 4.23
C ILE E 154 -24.24 35.34 5.58
N ILE E 155 -23.60 34.81 6.64
CA ILE E 155 -24.12 34.99 7.99
C ILE E 155 -24.04 36.45 8.40
N ILE E 156 -22.96 37.13 8.00
CA ILE E 156 -22.82 38.55 8.26
C ILE E 156 -23.88 39.36 7.51
N LEU E 157 -24.23 38.92 6.30
CA LEU E 157 -25.27 39.61 5.55
C LEU E 157 -26.65 39.38 6.17
N LEU E 158 -26.90 38.17 6.69
CA LEU E 158 -28.17 37.91 7.36
C LEU E 158 -28.23 38.56 8.74
N ILE E 159 -27.08 38.87 9.35
CA ILE E 159 -27.07 39.62 10.60
C ILE E 159 -27.32 41.10 10.34
N THR E 160 -26.67 41.66 9.30
CA THR E 160 -26.85 43.08 9.01
C THR E 160 -28.22 43.36 8.40
N MET E 161 -28.59 42.64 7.34
CA MET E 161 -29.86 42.91 6.68
C MET E 161 -31.05 42.34 7.45
N GLY E 162 -30.82 41.37 8.33
CA GLY E 162 -31.90 40.80 9.12
C GLY E 162 -32.61 39.68 8.39
N PRO E 163 -33.06 38.68 9.13
CA PRO E 163 -33.75 37.53 8.51
C PRO E 163 -35.19 37.81 8.09
N ASP E 164 -35.70 39.01 8.31
CA ASP E 164 -37.01 39.44 7.83
C ASP E 164 -36.78 40.64 6.92
N ALA E 165 -36.83 40.42 5.62
CA ALA E 165 -36.53 41.47 4.65
C ALA E 165 -37.67 41.73 3.68
N ASN E 166 -38.33 40.68 3.18
CA ASN E 166 -39.38 40.74 2.17
C ASN E 166 -38.91 41.50 0.92
N LEU E 167 -37.83 40.99 0.33
CA LEU E 167 -37.17 41.62 -0.80
C LEU E 167 -37.65 41.10 -2.15
N ASN E 168 -38.88 40.60 -2.22
CA ASN E 168 -39.40 40.05 -3.46
C ASN E 168 -39.85 41.21 -4.34
N ARG E 169 -38.99 41.62 -5.28
CA ARG E 169 -39.36 42.71 -6.18
C ARG E 169 -40.41 42.28 -7.19
N GLY E 170 -40.47 40.99 -7.49
CA GLY E 170 -41.53 40.45 -8.32
C GLY E 170 -41.76 39.01 -7.95
N PRO E 171 -42.73 38.37 -8.61
CA PRO E 171 -42.87 36.91 -8.46
C PRO E 171 -41.69 36.23 -9.13
N ASN E 172 -40.95 35.44 -8.33
CA ASN E 172 -39.73 34.72 -8.69
C ASN E 172 -38.58 35.63 -9.10
N MET E 173 -38.69 36.94 -8.87
CA MET E 173 -37.58 37.86 -9.04
C MET E 173 -37.17 38.36 -7.67
N CYS E 174 -35.89 38.25 -7.36
CA CYS E 174 -35.40 38.62 -6.05
C CYS E 174 -34.21 39.55 -6.21
N ARG E 175 -34.25 40.67 -5.53
CA ARG E 175 -33.11 41.57 -5.50
C ARG E 175 -32.17 41.14 -4.37
N GLU E 176 -31.36 42.07 -3.88
CA GLU E 176 -30.41 41.75 -2.83
C GLU E 176 -30.65 42.69 -1.65
N GLY E 177 -31.88 42.71 -1.15
CA GLY E 177 -32.23 43.51 0.00
C GLY E 177 -33.28 44.55 -0.34
N PRO E 178 -34.21 44.79 0.58
CA PRO E 178 -35.28 45.76 0.30
C PRO E 178 -34.82 47.20 0.36
N THR E 179 -33.79 47.53 1.13
CA THR E 179 -33.29 48.89 1.18
C THR E 179 -32.49 49.17 -0.08
N LYS E 180 -32.86 50.23 -0.80
CA LYS E 180 -32.21 50.58 -2.06
C LYS E 180 -30.81 51.13 -1.88
N GLY E 181 -30.38 51.42 -0.64
CA GLY E 181 -29.01 51.73 -0.38
C GLY E 181 -28.23 50.47 -0.06
N MET E 182 -28.79 49.61 0.79
CA MET E 182 -28.10 48.39 1.18
C MET E 182 -28.03 47.38 0.04
N HIS E 183 -29.01 47.41 -0.87
CA HIS E 183 -28.98 46.53 -2.03
C HIS E 183 -27.83 46.88 -2.96
N THR E 184 -27.64 48.16 -3.23
CA THR E 184 -26.50 48.58 -4.03
C THR E 184 -25.19 48.40 -3.26
N ALA E 185 -25.22 48.56 -1.94
CA ALA E 185 -24.01 48.38 -1.15
C ALA E 185 -23.57 46.92 -1.07
N VAL E 186 -24.49 45.97 -1.23
CA VAL E 186 -24.08 44.57 -1.30
C VAL E 186 -23.84 44.11 -2.73
N GLN E 187 -24.49 44.75 -3.72
CA GLN E 187 -24.21 44.41 -5.10
C GLN E 187 -22.84 44.90 -5.52
N GLY E 188 -22.41 46.05 -4.99
CA GLY E 188 -21.06 46.51 -5.22
C GLY E 188 -20.02 45.61 -4.59
N LEU E 189 -20.34 45.03 -3.42
CA LEU E 189 -19.43 44.08 -2.79
C LEU E 189 -19.29 42.81 -3.60
N LYS E 190 -20.42 42.25 -4.06
CA LYS E 190 -20.39 41.04 -4.87
C LYS E 190 -19.65 41.27 -6.19
N ALA E 191 -19.94 42.38 -6.86
CA ALA E 191 -19.26 42.67 -8.13
C ALA E 191 -17.79 43.01 -7.92
N GLY E 192 -17.42 43.58 -6.78
CA GLY E 192 -16.02 43.84 -6.52
C GLY E 192 -15.23 42.57 -6.29
N CYS E 193 -15.84 41.60 -5.58
CA CYS E 193 -15.18 40.31 -5.41
C CYS E 193 -15.05 39.58 -6.74
N TYR E 194 -16.09 39.67 -7.58
CA TYR E 194 -16.03 39.05 -8.91
C TYR E 194 -14.95 39.68 -9.79
N LEU E 195 -14.80 41.00 -9.75
CA LEU E 195 -13.81 41.63 -10.60
C LEU E 195 -12.38 41.40 -10.09
N LEU E 196 -12.20 41.32 -8.77
CA LEU E 196 -10.90 40.96 -8.24
C LEU E 196 -10.52 39.54 -8.65
N ALA E 197 -11.49 38.63 -8.64
CA ALA E 197 -11.22 37.27 -9.10
C ALA E 197 -10.94 37.20 -10.59
N ALA E 198 -11.58 38.04 -11.40
CA ALA E 198 -11.32 38.02 -12.84
C ALA E 198 -9.94 38.58 -13.17
N VAL E 199 -9.51 39.63 -12.46
CA VAL E 199 -8.16 40.15 -12.66
C VAL E 199 -7.12 39.11 -12.21
N LEU E 200 -7.41 38.39 -11.12
CA LEU E 200 -6.50 37.33 -10.68
C LEU E 200 -6.44 36.18 -11.67
N ILE E 201 -7.56 35.81 -12.30
CA ILE E 201 -7.51 34.69 -13.25
C ILE E 201 -6.81 35.11 -14.53
N VAL E 202 -6.86 36.40 -14.91
CA VAL E 202 -6.12 36.87 -16.07
C VAL E 202 -4.62 36.83 -15.79
N LEU E 203 -4.21 37.30 -14.61
CA LEU E 203 -2.80 37.27 -14.23
C LEU E 203 -2.28 35.84 -14.11
N LEU E 204 -3.10 34.93 -13.60
CA LEU E 204 -2.65 33.56 -13.45
C LEU E 204 -2.54 32.85 -14.79
N THR E 205 -3.46 33.09 -15.72
CA THR E 205 -3.32 32.46 -17.03
C THR E 205 -2.14 33.03 -17.80
N VAL E 206 -1.85 34.33 -17.66
CA VAL E 206 -0.67 34.89 -18.30
C VAL E 206 0.61 34.29 -17.72
N ILE E 207 0.70 34.17 -16.40
CA ILE E 207 1.94 33.65 -15.82
C ILE E 207 2.09 32.15 -16.07
N ILE E 208 0.97 31.42 -16.22
CA ILE E 208 1.06 30.00 -16.52
C ILE E 208 1.52 29.78 -17.96
N ILE E 209 1.00 30.57 -18.91
CA ILE E 209 1.42 30.43 -20.30
C ILE E 209 2.87 30.87 -20.49
N TRP E 210 3.31 31.87 -19.73
CA TRP E 210 4.70 32.31 -19.86
C TRP E 210 5.64 31.29 -19.25
N LYS E 211 5.28 30.68 -18.13
CA LYS E 211 6.16 29.66 -17.59
C LYS E 211 6.07 28.37 -18.40
N LEU E 212 4.94 28.12 -19.05
CA LEU E 212 4.71 26.94 -19.86
C LEU E 212 5.29 27.07 -21.25
N LEU E 213 5.94 28.18 -21.56
CA LEU E 213 6.61 28.34 -22.84
C LEU E 213 8.11 28.36 -22.70
N ARG E 214 8.64 28.41 -21.48
CA ARG E 214 10.07 28.29 -21.22
C ARG E 214 10.48 26.86 -20.92
N THR E 215 9.59 25.90 -21.05
CA THR E 215 9.93 24.51 -20.84
C THR E 215 10.14 23.82 -22.18
N LYS E 216 10.07 22.50 -22.19
CA LYS E 216 10.19 21.71 -23.40
C LYS E 216 8.97 20.84 -23.64
N PHE E 217 8.40 20.28 -22.58
CA PHE E 217 7.13 19.57 -22.69
C PHE E 217 5.96 20.52 -22.90
N GLY E 218 6.13 21.80 -22.57
CA GLY E 218 5.04 22.75 -22.55
C GLY E 218 4.79 23.48 -23.84
N ARG E 219 5.61 23.26 -24.85
CA ARG E 219 5.43 23.89 -26.15
C ARG E 219 4.36 23.21 -27.00
N LYS E 220 3.64 22.24 -26.45
CA LYS E 220 2.55 21.63 -27.19
C LYS E 220 1.40 22.63 -27.31
N PRO E 221 0.66 22.60 -28.41
CA PRO E 221 -0.47 23.53 -28.54
C PRO E 221 -1.65 23.14 -27.69
N ARG E 222 -1.78 21.87 -27.31
CA ARG E 222 -2.90 21.45 -26.49
C ARG E 222 -2.80 21.98 -25.07
N LEU E 223 -1.59 22.00 -24.51
CA LEU E 223 -1.35 22.49 -23.17
C LEU E 223 -1.48 23.99 -23.04
N ILE E 224 -1.50 24.73 -24.14
CA ILE E 224 -1.67 26.17 -24.08
C ILE E 224 -3.13 26.48 -24.40
N CYS E 225 -3.73 25.66 -25.28
CA CYS E 225 -5.14 25.87 -25.63
C CYS E 225 -6.05 25.60 -24.44
N ASN E 226 -5.77 24.56 -23.65
CA ASN E 226 -6.61 24.27 -22.50
C ASN E 226 -6.52 25.36 -21.44
N VAL E 227 -5.30 25.81 -21.14
CA VAL E 227 -5.08 26.85 -20.14
C VAL E 227 -5.70 28.17 -20.59
N THR E 228 -5.53 28.52 -21.87
CA THR E 228 -6.09 29.77 -22.39
C THR E 228 -7.62 29.74 -22.39
N PHE E 229 -8.22 28.62 -22.78
CA PHE E 229 -9.68 28.59 -22.88
C PHE E 229 -10.36 28.28 -21.55
N THR E 230 -9.63 27.92 -20.51
CA THR E 230 -10.23 27.94 -19.18
C THR E 230 -9.86 29.19 -18.39
N GLY E 231 -8.95 30.00 -18.91
CA GLY E 231 -8.72 31.29 -18.29
C GLY E 231 -9.62 32.37 -18.85
N LEU E 232 -9.80 32.37 -20.17
CA LEU E 232 -10.58 33.44 -20.79
C LEU E 232 -12.06 33.30 -20.52
N ILE E 233 -12.56 32.07 -20.35
CA ILE E 233 -13.97 31.88 -20.02
C ILE E 233 -14.26 32.37 -18.61
N CYS E 234 -13.35 32.09 -17.68
CA CYS E 234 -13.47 32.63 -16.32
C CYS E 234 -13.43 34.14 -16.33
N ALA E 235 -12.48 34.72 -17.07
CA ALA E 235 -12.35 36.17 -17.12
C ALA E 235 -13.57 36.83 -17.75
N PHE E 236 -14.15 36.20 -18.78
CA PHE E 236 -15.33 36.74 -19.42
C PHE E 236 -16.55 36.65 -18.50
N SER E 237 -16.78 35.47 -17.91
CA SER E 237 -17.95 35.28 -17.07
C SER E 237 -17.83 35.96 -15.71
N TRP E 238 -16.66 36.50 -15.35
CA TRP E 238 -16.60 37.32 -14.16
C TRP E 238 -16.37 38.80 -14.46
N PHE E 239 -16.13 39.17 -15.72
CA PHE E 239 -16.31 40.55 -16.12
C PHE E 239 -17.77 40.85 -16.45
N MET E 240 -18.53 39.85 -16.88
CA MET E 240 -19.96 40.02 -17.11
C MET E 240 -20.79 39.85 -15.86
N LEU E 241 -20.14 39.70 -14.70
CA LEU E 241 -20.80 39.70 -13.41
C LEU E 241 -20.33 40.84 -12.53
N SER E 242 -19.52 41.74 -13.08
CA SER E 242 -19.01 42.87 -12.33
C SER E 242 -19.47 44.21 -12.85
N LEU E 243 -20.15 44.25 -13.99
CA LEU E 243 -20.78 45.47 -14.49
C LEU E 243 -21.87 46.10 -13.61
N PRO E 244 -22.40 45.46 -12.56
CA PRO E 244 -23.07 46.25 -11.51
C PRO E 244 -22.19 47.28 -10.82
N LEU E 245 -20.86 47.17 -10.91
CA LEU E 245 -20.02 48.25 -10.41
C LEU E 245 -20.06 49.47 -11.32
N LEU E 246 -20.48 49.31 -12.57
CA LEU E 246 -20.58 50.47 -13.46
C LEU E 246 -21.80 51.33 -13.14
N PHE E 247 -22.92 50.70 -12.79
CA PHE E 247 -24.12 51.43 -12.38
C PHE E 247 -24.06 51.74 -10.88
N LEU E 248 -23.05 52.53 -10.50
CA LEU E 248 -22.79 52.83 -9.11
C LEU E 248 -23.28 54.25 -8.76
N GLY E 249 -24.23 54.77 -9.52
CA GLY E 249 -24.81 56.07 -9.23
C GLY E 249 -26.06 55.98 -8.38
N GLU E 250 -26.05 55.03 -7.43
CA GLU E 250 -27.16 54.74 -6.51
C GLU E 250 -28.47 54.44 -7.25
N ALA E 251 -28.37 53.79 -8.41
CA ALA E 251 -29.53 53.54 -9.23
C ALA E 251 -30.18 52.20 -8.85
N GLY E 252 -31.47 52.11 -9.13
CA GLY E 252 -32.19 50.85 -9.04
C GLY E 252 -32.25 50.11 -10.35
N SER E 253 -31.22 50.26 -11.19
CA SER E 253 -31.24 49.69 -12.52
C SER E 253 -31.12 48.16 -12.48
N LEU E 254 -30.51 47.61 -11.44
CA LEU E 254 -30.45 46.17 -11.23
C LEU E 254 -30.97 45.93 -9.82
N GLY E 255 -32.26 45.65 -9.69
CA GLY E 255 -32.80 45.32 -8.38
C GLY E 255 -34.21 45.77 -8.08
N PHE E 256 -34.65 46.92 -8.59
CA PHE E 256 -35.96 47.43 -8.22
C PHE E 256 -36.87 47.72 -9.40
N ASP E 257 -36.37 47.73 -10.62
CA ASP E 257 -37.14 48.23 -11.74
C ASP E 257 -37.99 47.17 -12.43
N CYS E 258 -37.98 45.93 -11.92
CA CYS E 258 -38.85 44.83 -12.35
C CYS E 258 -38.63 44.44 -13.81
N THR E 259 -39.06 45.30 -14.73
CA THR E 259 -39.02 45.14 -16.19
C THR E 259 -39.67 43.84 -16.66
N GLU E 260 -38.84 42.82 -16.90
CA GLU E 260 -39.14 41.54 -17.55
C GLU E 260 -39.58 41.67 -18.99
N SER E 261 -39.44 42.84 -19.61
CA SER E 261 -39.56 42.93 -21.06
C SER E 261 -38.27 42.48 -21.74
N LEU E 262 -37.17 42.47 -21.00
CA LEU E 262 -35.87 42.06 -21.50
C LEU E 262 -35.76 40.54 -21.49
N VAL E 263 -34.71 40.04 -22.15
CA VAL E 263 -34.30 38.65 -21.97
C VAL E 263 -33.30 38.51 -20.83
N ALA E 264 -32.96 39.62 -20.16
CA ALA E 264 -32.01 39.60 -19.06
C ALA E 264 -32.60 38.99 -17.80
N ARG E 265 -33.92 38.79 -17.74
CA ARG E 265 -34.48 37.97 -16.69
C ARG E 265 -34.17 36.50 -16.92
N TYR E 266 -34.10 36.08 -18.17
CA TYR E 266 -33.92 34.67 -18.51
C TYR E 266 -32.48 34.33 -18.87
N TYR E 267 -31.53 35.10 -18.38
CA TYR E 267 -30.12 34.83 -18.68
C TYR E 267 -29.49 33.57 -18.06
N PRO E 268 -29.72 33.19 -16.78
CA PRO E 268 -28.70 32.38 -16.10
C PRO E 268 -28.70 30.90 -16.45
N GLY E 269 -29.65 30.41 -17.24
CA GLY E 269 -29.60 29.06 -17.76
C GLY E 269 -28.40 28.84 -18.66
N PRO E 270 -28.25 29.69 -19.68
CA PRO E 270 -26.98 29.72 -20.44
C PRO E 270 -25.74 30.00 -19.60
N ALA E 271 -25.85 30.74 -18.49
CA ALA E 271 -24.68 30.94 -17.63
C ALA E 271 -24.27 29.64 -16.94
N ALA E 272 -25.24 28.87 -16.46
CA ALA E 272 -24.93 27.57 -15.89
C ALA E 272 -24.43 26.60 -16.95
N CYS E 273 -24.93 26.71 -18.18
CA CYS E 273 -24.39 25.90 -19.27
C CYS E 273 -22.95 26.29 -19.59
N LEU E 274 -22.61 27.56 -19.44
CA LEU E 274 -21.23 27.98 -19.67
C LEU E 274 -20.32 27.47 -18.55
N ALA E 275 -20.82 27.44 -17.32
CA ALA E 275 -20.05 26.83 -16.24
C ALA E 275 -19.89 25.32 -16.43
N LEU E 276 -20.91 24.66 -17.00
CA LEU E 276 -20.77 23.24 -17.31
C LEU E 276 -19.77 22.99 -18.42
N LEU E 277 -19.72 23.89 -19.42
CA LEU E 277 -18.70 23.78 -20.45
C LEU E 277 -17.31 23.99 -19.88
N LEU E 278 -17.18 24.87 -18.87
CA LEU E 278 -15.91 25.02 -18.18
C LEU E 278 -15.52 23.76 -17.42
N ILE E 279 -16.49 23.09 -16.79
CA ILE E 279 -16.23 21.84 -16.10
C ILE E 279 -15.81 20.75 -17.08
N ILE E 280 -16.47 20.69 -18.23
CA ILE E 280 -16.16 19.69 -19.25
C ILE E 280 -14.77 19.94 -19.84
N LEU E 281 -14.40 21.21 -20.02
CA LEU E 281 -13.07 21.53 -20.50
C LEU E 281 -12.00 21.23 -19.46
N TYR E 282 -12.33 21.33 -18.17
CA TYR E 282 -11.40 20.92 -17.13
C TYR E 282 -11.22 19.42 -17.11
N ALA E 283 -12.30 18.67 -17.35
CA ALA E 283 -12.24 17.22 -17.27
C ALA E 283 -11.67 16.58 -18.52
N TRP E 284 -11.76 17.25 -19.66
CA TRP E 284 -11.32 16.64 -20.92
C TRP E 284 -9.81 16.61 -21.04
N SER E 285 -9.10 17.54 -20.39
CA SER E 285 -7.65 17.58 -20.42
C SER E 285 -7.02 16.81 -19.26
N PHE E 286 -7.73 15.83 -18.74
CA PHE E 286 -7.29 15.02 -17.61
C PHE E 286 -7.59 13.58 -18.00
N SER E 287 -6.56 12.86 -18.45
CA SER E 287 -6.77 11.64 -19.23
C SER E 287 -7.27 10.47 -18.39
N HIS E 288 -7.04 10.48 -17.08
CA HIS E 288 -7.53 9.40 -16.23
C HIS E 288 -9.05 9.44 -16.12
N PHE E 289 -9.65 10.62 -16.18
CA PHE E 289 -11.10 10.72 -16.27
C PHE E 289 -11.59 10.32 -17.65
N MET E 290 -10.78 10.61 -18.67
CA MET E 290 -11.23 10.40 -20.04
C MET E 290 -11.24 8.92 -20.41
N ASP E 291 -10.24 8.15 -19.98
CA ASP E 291 -10.29 6.72 -20.29
C ASP E 291 -11.34 6.01 -19.45
N SER E 292 -11.64 6.54 -18.25
CA SER E 292 -12.75 6.01 -17.47
C SER E 292 -14.07 6.24 -18.18
N LEU E 293 -14.25 7.43 -18.77
CA LEU E 293 -15.45 7.68 -19.58
C LEU E 293 -15.50 6.80 -20.82
N LYS E 294 -14.38 6.66 -21.53
CA LYS E 294 -14.38 5.88 -22.76
C LYS E 294 -14.52 4.38 -22.51
N ASN E 295 -14.18 3.92 -21.30
CA ASN E 295 -14.42 2.53 -20.94
C ASN E 295 -15.83 2.31 -20.44
N GLN E 296 -16.37 3.27 -19.68
CA GLN E 296 -17.71 3.12 -19.14
C GLN E 296 -18.77 3.24 -20.23
N VAL E 297 -18.52 4.07 -21.25
CA VAL E 297 -19.47 4.16 -22.35
C VAL E 297 -19.37 2.94 -23.26
N THR E 298 -18.28 2.17 -23.17
CA THR E 298 -18.19 0.92 -23.91
C THR E 298 -18.87 -0.22 -23.15
N VAL E 299 -18.72 -0.25 -21.83
CA VAL E 299 -19.31 -1.34 -21.06
C VAL E 299 -20.75 -1.08 -20.64
N THR E 300 -21.25 0.15 -20.82
CA THR E 300 -22.63 0.44 -20.45
C THR E 300 -23.57 0.55 -21.63
N ALA E 301 -23.05 0.73 -22.84
CA ALA E 301 -23.88 0.78 -24.05
C ALA E 301 -23.99 -0.59 -24.73
N ARG E 302 -23.50 -1.65 -24.09
CA ARG E 302 -23.64 -3.01 -24.58
C ARG E 302 -24.71 -3.79 -23.82
N TYR E 303 -24.62 -3.81 -22.49
CA TYR E 303 -25.66 -4.41 -21.67
C TYR E 303 -26.84 -3.46 -21.44
N PHE E 304 -26.73 -2.21 -21.87
CA PHE E 304 -27.81 -1.25 -21.74
C PHE E 304 -27.68 -0.16 -22.79
#